data_4F9A
#
_entry.id   4F9A
#
_cell.length_a   61.080
_cell.length_b   67.040
_cell.length_c   237.050
_cell.angle_alpha   90.00
_cell.angle_beta   90.00
_cell.angle_gamma   90.00
#
_symmetry.space_group_name_H-M   'P 21 21 21'
#
loop_
_entity.id
_entity.type
_entity.pdbx_description
1 polymer 'Cell division cycle 7-related protein kinase'
2 polymer 'Protein DBF4 homolog A'
3 non-polymer "ADENOSINE-5'-DIPHOSPHATE"
4 non-polymer 'MAGNESIUM ION'
5 non-polymer 'ZINC ION'
6 water water
#
loop_
_entity_poly.entity_id
_entity_poly.type
_entity_poly.pdbx_seq_one_letter_code
_entity_poly.pdbx_strand_id
1 'polypeptide(L)'
;MLAGVKKDIEKLYEAVPQLSNVFKIEDKIGEGTFSSVYLATAQLQVGPEEKIALKHLIPTSHPIRIAAELQCLTVAGGQD
NVMGVKYCFRKNDHVVIAMPYLEHESFLDILNSLSFQEVREYMLNLFKALKRIHQFGIVHRDVKPSNFLYNRRLKKYALV
DFGLAQGTHDTKIELLKFVQSEAQQERCSQNKCSICLSRRQQVAPRAGTPGFRAPEVLTKCPNQTTAIDMWSAGVIFLSL
LSGRYPFYKASDDLTALAQIMTIRGSRETIQAAKTFGKSILCSKEVPAQDLRKLCERLRGMDSSTPKLTSDIQGHATNLE
GWNEVPDEAYDLLDKLLDLNPASRITAEEALLHPFFKDMSL
;
A,C
2 'polypeptide(L)'
;GPGTRTGRLKKPFVKVEDMSQLYRPFYLQLTNMPFINYSIQKPCSPFDVDKPSSMQKQTQVKLRIQTDGDKYGGTSIQLQ
LKEKKKKGYCECCLQKYEDLETHLLSEQHRNFAQSNQYQVVDDIVSKLVFDFVEYEKDTPKKKR
;
B,D
#
loop_
_chem_comp.id
_chem_comp.type
_chem_comp.name
_chem_comp.formula
ADP non-polymer ADENOSINE-5'-DIPHOSPHATE 'C10 H15 N5 O10 P2'
MG non-polymer 'MAGNESIUM ION' 'Mg 2'
ZN non-polymer 'ZINC ION' 'Zn 2'
#
# COMPACT_ATOMS: atom_id res chain seq x y z
N GLY A 4 18.13 6.92 1.05
CA GLY A 4 17.33 5.72 0.63
C GLY A 4 16.77 5.88 -0.77
N VAL A 5 15.44 5.91 -0.89
CA VAL A 5 14.79 6.20 -2.16
C VAL A 5 15.02 7.68 -2.55
N LYS A 6 15.03 8.55 -1.55
CA LYS A 6 15.29 9.98 -1.72
C LYS A 6 16.59 10.26 -2.45
N LYS A 7 17.65 9.54 -2.09
CA LYS A 7 18.94 9.65 -2.74
C LYS A 7 18.88 9.17 -4.19
N ASP A 8 18.04 8.17 -4.47
CA ASP A 8 17.89 7.62 -5.82
C ASP A 8 17.20 8.61 -6.74
N ILE A 9 16.07 9.16 -6.27
CA ILE A 9 15.37 10.20 -6.97
C ILE A 9 16.30 11.35 -7.35
N GLU A 10 17.02 11.88 -6.36
CA GLU A 10 17.97 12.97 -6.57
C GLU A 10 19.00 12.61 -7.62
N LYS A 11 19.54 11.39 -7.56
CA LYS A 11 20.51 10.95 -8.57
C LYS A 11 19.85 10.80 -9.95
N LEU A 12 18.54 10.59 -9.98
CA LEU A 12 17.84 10.41 -11.25
C LEU A 12 17.72 11.76 -11.95
N TYR A 13 17.10 12.72 -11.28
CA TYR A 13 17.17 14.14 -11.65
C TYR A 13 18.56 14.59 -12.12
N GLU A 14 19.59 14.32 -11.31
CA GLU A 14 20.95 14.72 -11.70
C GLU A 14 21.43 13.99 -12.95
N ALA A 15 21.01 12.74 -13.11
CA ALA A 15 21.38 11.98 -14.30
C ALA A 15 20.65 12.47 -15.59
N VAL A 16 19.42 12.96 -15.45
CA VAL A 16 18.58 13.38 -16.60
C VAL A 16 17.94 14.70 -16.26
N PRO A 17 18.68 15.80 -16.49
CA PRO A 17 18.30 17.13 -16.04
C PRO A 17 16.92 17.57 -16.51
N GLN A 18 16.49 17.18 -17.72
CA GLN A 18 15.17 17.62 -18.24
C GLN A 18 13.97 17.18 -17.37
N LEU A 19 14.10 16.05 -16.66
CA LEU A 19 13.03 15.58 -15.74
C LEU A 19 12.62 16.61 -14.69
N SER A 20 13.61 17.39 -14.23
CA SER A 20 13.36 18.47 -13.27
C SER A 20 12.33 19.49 -13.75
N ASN A 21 12.34 19.77 -15.05
CA ASN A 21 11.43 20.76 -15.63
C ASN A 21 9.98 20.28 -15.77
N VAL A 22 9.76 18.98 -15.52
CA VAL A 22 8.49 18.32 -15.91
C VAL A 22 7.83 17.48 -14.80
N PHE A 23 8.64 16.66 -14.10
CA PHE A 23 8.10 15.67 -13.17
C PHE A 23 8.37 16.01 -11.71
N LYS A 24 7.34 15.87 -10.88
CA LYS A 24 7.51 15.72 -9.44
C LYS A 24 7.63 14.23 -9.13
N ILE A 25 8.87 13.75 -9.04
CA ILE A 25 9.16 12.33 -8.81
C ILE A 25 8.93 12.03 -7.35
N GLU A 26 7.95 11.17 -7.08
CA GLU A 26 7.49 10.96 -5.72
C GLU A 26 8.01 9.68 -5.05
N ASP A 27 8.15 8.59 -5.80
CA ASP A 27 8.52 7.31 -5.18
C ASP A 27 9.14 6.33 -6.14
N LYS A 28 9.84 5.34 -5.59
CA LYS A 28 10.31 4.20 -6.33
C LYS A 28 9.25 3.11 -6.21
N ILE A 29 8.85 2.56 -7.35
CA ILE A 29 7.81 1.52 -7.38
C ILE A 29 8.30 0.23 -8.00
N GLY A 30 9.55 0.21 -8.50
CA GLY A 30 10.07 -0.99 -9.12
C GLY A 30 11.57 -0.99 -9.23
N GLU A 31 12.16 -2.16 -9.08
CA GLU A 31 13.60 -2.32 -9.24
C GLU A 31 13.88 -3.70 -9.74
N GLY A 32 14.66 -3.78 -10.80
CA GLY A 32 15.04 -5.04 -11.40
C GLY A 32 16.50 -4.98 -11.73
N THR A 33 17.03 -6.07 -12.26
CA THR A 33 18.43 -6.09 -12.63
C THR A 33 18.71 -5.02 -13.68
N PHE A 34 17.75 -4.79 -14.58
CA PHE A 34 18.01 -3.94 -15.75
C PHE A 34 17.33 -2.58 -15.76
N SER A 35 16.56 -2.26 -14.72
CA SER A 35 15.92 -0.95 -14.65
C SER A 35 15.29 -0.66 -13.29
N SER A 36 15.05 0.62 -13.00
CA SER A 36 14.23 1.00 -11.85
C SER A 36 13.10 1.89 -12.31
N VAL A 37 12.00 1.88 -11.56
CA VAL A 37 10.79 2.55 -11.97
C VAL A 37 10.27 3.39 -10.83
N TYR A 38 9.87 4.62 -11.15
CA TYR A 38 9.46 5.61 -10.16
C TYR A 38 8.06 6.07 -10.44
N LEU A 39 7.36 6.45 -9.39
CA LEU A 39 6.07 7.11 -9.52
C LEU A 39 6.33 8.60 -9.53
N ALA A 40 5.72 9.30 -10.47
CA ALA A 40 5.90 10.73 -10.66
C ALA A 40 4.53 11.33 -10.97
N THR A 41 4.38 12.63 -10.74
CA THR A 41 3.20 13.38 -11.16
C THR A 41 3.65 14.47 -12.10
N ALA A 42 2.85 14.71 -13.15
CA ALA A 42 3.09 15.81 -14.06
C ALA A 42 1.79 16.54 -14.42
N GLN A 43 1.96 17.69 -15.10
CA GLN A 43 0.88 18.48 -15.66
C GLN A 43 0.76 18.20 -17.17
N LEU A 44 -0.46 17.90 -17.61
CA LEU A 44 -0.74 17.72 -19.04
C LEU A 44 -1.13 19.08 -19.63
N GLN A 45 -0.68 19.36 -20.84
CA GLN A 45 -1.08 20.62 -21.49
C GLN A 45 -2.62 20.74 -21.55
N VAL A 46 -3.30 19.60 -21.66
CA VAL A 46 -4.74 19.59 -21.88
C VAL A 46 -5.55 19.82 -20.59
N GLY A 47 -4.87 19.90 -19.44
CA GLY A 47 -5.55 20.24 -18.18
C GLY A 47 -5.22 19.42 -16.94
N PRO A 48 -5.50 18.10 -16.97
CA PRO A 48 -5.38 17.31 -15.74
C PRO A 48 -3.94 17.05 -15.33
N GLU A 49 -3.72 16.86 -14.03
CA GLU A 49 -2.46 16.28 -13.57
C GLU A 49 -2.60 14.80 -13.84
N GLU A 50 -1.51 14.15 -14.22
CA GLU A 50 -1.53 12.72 -14.49
C GLU A 50 -0.39 12.03 -13.76
N LYS A 51 -0.68 10.85 -13.21
CA LYS A 51 0.33 10.01 -12.60
C LYS A 51 1.09 9.27 -13.68
N ILE A 52 2.40 9.21 -13.53
CA ILE A 52 3.29 8.73 -14.58
C ILE A 52 4.27 7.74 -13.95
N ALA A 53 4.55 6.64 -14.66
CA ALA A 53 5.59 5.69 -14.29
C ALA A 53 6.83 6.00 -15.11
N LEU A 54 7.95 6.25 -14.44
CA LEU A 54 9.20 6.55 -15.12
C LEU A 54 10.15 5.38 -15.05
N LYS A 55 10.40 4.75 -16.17
CA LYS A 55 11.32 3.63 -16.19
C LYS A 55 12.72 4.06 -16.59
N HIS A 56 13.63 3.97 -15.62
CA HIS A 56 14.98 4.36 -15.82
C HIS A 56 15.75 3.14 -16.10
N LEU A 57 16.33 3.09 -17.29
CA LEU A 57 17.00 1.92 -17.76
C LEU A 57 18.43 2.00 -17.30
N ILE A 58 19.03 0.86 -16.98
CA ILE A 58 20.41 0.84 -16.50
C ILE A 58 21.33 1.29 -17.66
N PRO A 59 22.32 2.19 -17.39
CA PRO A 59 23.15 2.78 -18.47
C PRO A 59 24.18 1.84 -19.07
N THR A 60 24.27 0.65 -18.53
CA THR A 60 25.07 -0.41 -19.15
C THR A 60 24.31 -1.07 -20.30
N SER A 61 23.08 -0.60 -20.57
CA SER A 61 22.23 -1.21 -21.61
C SER A 61 22.64 -0.72 -22.98
N HIS A 62 22.70 -1.63 -23.94
CA HIS A 62 22.93 -1.25 -25.33
C HIS A 62 21.82 -0.40 -25.85
N PRO A 63 22.17 0.67 -26.59
CA PRO A 63 21.17 1.55 -27.23
C PRO A 63 20.19 0.80 -28.16
N ILE A 64 20.66 -0.24 -28.89
CA ILE A 64 19.74 -1.09 -29.69
C ILE A 64 18.67 -1.71 -28.79
N ARG A 65 19.11 -2.33 -27.69
CA ARG A 65 18.21 -2.95 -26.73
C ARG A 65 17.24 -1.91 -26.19
N ILE A 66 17.75 -0.72 -25.92
CA ILE A 66 16.91 0.39 -25.42
C ILE A 66 15.85 0.80 -26.43
N ALA A 67 16.28 1.00 -27.67
CA ALA A 67 15.39 1.43 -28.77
C ALA A 67 14.32 0.39 -29.08
N ALA A 68 14.75 -0.87 -29.17
CA ALA A 68 13.82 -2.01 -29.30
C ALA A 68 12.63 -1.99 -28.32
N GLU A 69 12.91 -1.88 -27.01
CA GLU A 69 11.83 -1.81 -26.02
C GLU A 69 10.97 -0.62 -26.28
N LEU A 70 11.61 0.50 -26.57
CA LEU A 70 10.88 1.72 -26.80
C LEU A 70 10.00 1.55 -28.05
N GLN A 71 10.56 0.98 -29.10
CA GLN A 71 9.81 0.75 -30.34
C GLN A 71 8.61 -0.19 -30.16
N CYS A 72 8.80 -1.32 -29.44
CA CYS A 72 7.66 -2.19 -29.07
C CYS A 72 6.56 -1.37 -28.43
N LEU A 73 6.92 -0.47 -27.52
CA LEU A 73 5.90 0.30 -26.81
C LEU A 73 5.19 1.31 -27.71
N THR A 74 5.98 1.90 -28.63
CA THR A 74 5.48 2.93 -29.52
C THR A 74 4.53 2.32 -30.55
N VAL A 75 4.99 1.25 -31.17
CA VAL A 75 4.26 0.60 -32.25
C VAL A 75 3.06 -0.23 -31.78
N ALA A 76 3.30 -1.19 -30.87
CA ALA A 76 2.23 -2.12 -30.44
C ALA A 76 1.39 -1.60 -29.27
N GLY A 77 1.96 -0.71 -28.46
CA GLY A 77 1.35 -0.33 -27.20
C GLY A 77 0.26 0.70 -27.34
N GLY A 78 -0.42 1.01 -26.24
CA GLY A 78 -1.46 2.03 -26.22
C GLY A 78 -2.87 1.52 -26.44
N GLN A 79 -3.00 0.21 -26.60
CA GLN A 79 -4.22 -0.42 -27.12
C GLN A 79 -4.20 -1.90 -26.70
N ASP A 80 -5.38 -2.48 -26.48
CA ASP A 80 -5.53 -3.93 -26.24
C ASP A 80 -4.72 -4.43 -25.04
N ASN A 81 -4.71 -3.67 -23.93
CA ASN A 81 -4.03 -4.08 -22.70
C ASN A 81 -2.52 -4.21 -22.87
N VAL A 82 -1.98 -3.53 -23.88
CA VAL A 82 -0.54 -3.40 -24.01
C VAL A 82 -0.16 -1.97 -23.67
N MET A 83 0.69 -1.79 -22.64
CA MET A 83 1.13 -0.45 -22.16
C MET A 83 1.70 0.39 -23.30
N GLY A 84 1.29 1.66 -23.35
CA GLY A 84 1.90 2.58 -24.33
C GLY A 84 2.94 3.51 -23.69
N VAL A 85 3.64 4.30 -24.51
CA VAL A 85 4.56 5.29 -23.98
C VAL A 85 4.06 6.73 -24.27
N LYS A 86 4.25 7.63 -23.31
CA LYS A 86 3.93 9.05 -23.49
C LYS A 86 5.12 9.78 -24.10
N TYR A 87 6.27 9.66 -23.45
CA TYR A 87 7.49 10.28 -24.00
C TYR A 87 8.71 9.55 -23.49
N CYS A 88 9.87 9.94 -23.99
CA CYS A 88 11.12 9.35 -23.56
C CYS A 88 12.16 10.47 -23.45
N PHE A 89 13.01 10.41 -22.42
CA PHE A 89 14.03 11.43 -22.17
C PHE A 89 15.41 10.78 -22.05
N ARG A 90 16.41 11.36 -22.69
CA ARG A 90 17.78 10.84 -22.62
C ARG A 90 18.79 11.92 -22.25
N LYS A 91 19.86 11.48 -21.60
CA LYS A 91 21.03 12.29 -21.37
C LYS A 91 22.19 11.31 -21.39
N ASN A 92 22.95 11.33 -22.47
CA ASN A 92 24.00 10.33 -22.76
C ASN A 92 23.50 8.87 -22.59
N ASP A 93 24.07 8.11 -21.66
CA ASP A 93 23.70 6.72 -21.43
C ASP A 93 22.48 6.52 -20.50
N HIS A 94 21.83 7.60 -20.07
CA HIS A 94 20.69 7.46 -19.19
C HIS A 94 19.45 7.72 -19.97
N VAL A 95 18.59 6.69 -20.09
CA VAL A 95 17.30 6.84 -20.76
C VAL A 95 16.17 6.60 -19.79
N VAL A 96 15.15 7.46 -19.83
CA VAL A 96 13.98 7.29 -19.00
C VAL A 96 12.73 7.27 -19.89
N ILE A 97 11.96 6.18 -19.80
CA ILE A 97 10.74 6.00 -20.58
C ILE A 97 9.59 6.41 -19.70
N ALA A 98 8.70 7.26 -20.20
CA ALA A 98 7.60 7.76 -19.40
C ALA A 98 6.29 7.20 -19.92
N MET A 99 5.53 6.55 -19.02
CA MET A 99 4.30 5.81 -19.33
C MET A 99 3.20 6.28 -18.44
N PRO A 100 1.92 6.07 -18.85
CA PRO A 100 0.87 6.27 -17.87
C PRO A 100 1.00 5.24 -16.74
N TYR A 101 0.76 5.68 -15.51
CA TYR A 101 0.88 4.81 -14.35
C TYR A 101 -0.42 4.07 -14.09
N LEU A 102 -0.35 2.74 -14.01
CA LEU A 102 -1.53 1.96 -13.65
C LEU A 102 -1.34 1.40 -12.24
N GLU A 103 -2.17 1.84 -11.30
CA GLU A 103 -2.13 1.26 -9.97
C GLU A 103 -2.57 -0.20 -10.08
N HIS A 104 -1.81 -1.10 -9.46
CA HIS A 104 -2.06 -2.55 -9.59
C HIS A 104 -1.89 -3.30 -8.30
N GLU A 105 -2.48 -4.50 -8.26
CA GLU A 105 -2.37 -5.41 -7.14
C GLU A 105 -1.09 -6.18 -7.25
N SER A 106 -0.73 -6.77 -6.13
CA SER A 106 0.27 -7.81 -6.08
C SER A 106 -0.48 -9.12 -6.43
N PHE A 107 0.15 -9.92 -7.29
CA PHE A 107 -0.45 -11.15 -7.75
C PHE A 107 -0.66 -12.08 -6.56
N LEU A 108 0.41 -12.26 -5.77
CA LEU A 108 0.40 -13.00 -4.52
C LEU A 108 -0.78 -12.59 -3.69
N ASP A 109 -1.02 -11.28 -3.65
CA ASP A 109 -2.01 -10.74 -2.76
C ASP A 109 -3.42 -11.14 -3.09
N ILE A 110 -3.83 -10.97 -4.33
CA ILE A 110 -5.20 -11.27 -4.69
C ILE A 110 -5.40 -12.73 -5.13
N LEU A 111 -4.30 -13.48 -5.19
CA LEU A 111 -4.28 -14.83 -5.71
C LEU A 111 -5.45 -15.65 -5.19
N ASN A 112 -5.54 -15.79 -3.88
CA ASN A 112 -6.55 -16.66 -3.34
C ASN A 112 -7.78 -15.93 -2.83
N SER A 113 -8.06 -14.78 -3.43
CA SER A 113 -9.28 -14.06 -3.11
C SER A 113 -10.09 -13.76 -4.37
N LEU A 114 -9.54 -14.05 -5.54
CA LEU A 114 -10.27 -13.80 -6.79
C LEU A 114 -11.48 -14.71 -6.97
N SER A 115 -12.56 -14.19 -7.54
CA SER A 115 -13.68 -15.04 -7.90
C SER A 115 -13.29 -15.80 -9.19
N PHE A 116 -14.07 -16.82 -9.54
CA PHE A 116 -13.80 -17.54 -10.74
C PHE A 116 -14.02 -16.66 -11.96
N GLN A 117 -15.05 -15.83 -11.94
CA GLN A 117 -15.26 -14.91 -13.02
C GLN A 117 -14.07 -13.97 -13.25
N GLU A 118 -13.42 -13.55 -12.16
CA GLU A 118 -12.29 -12.63 -12.26
C GLU A 118 -11.11 -13.35 -12.89
N VAL A 119 -11.01 -14.66 -12.68
CA VAL A 119 -9.99 -15.48 -13.33
C VAL A 119 -10.19 -15.53 -14.86
N ARG A 120 -11.44 -15.76 -15.30
CA ARG A 120 -11.83 -15.77 -16.72
C ARG A 120 -11.44 -14.44 -17.30
N GLU A 121 -11.90 -13.38 -16.66
CA GLU A 121 -11.64 -12.02 -17.15
C GLU A 121 -10.17 -11.71 -17.23
N TYR A 122 -9.42 -12.11 -16.22
CA TYR A 122 -7.98 -11.91 -16.21
C TYR A 122 -7.31 -12.57 -17.42
N MET A 123 -7.66 -13.83 -17.66
CA MET A 123 -7.09 -14.63 -18.72
C MET A 123 -7.51 -14.09 -20.10
N LEU A 124 -8.78 -13.71 -20.26
CA LEU A 124 -9.28 -13.06 -21.48
C LEU A 124 -8.41 -11.85 -21.80
N ASN A 125 -8.30 -10.96 -20.82
CA ASN A 125 -7.55 -9.76 -21.03
C ASN A 125 -6.07 -9.96 -21.26
N LEU A 126 -5.49 -10.99 -20.67
CA LEU A 126 -4.09 -11.29 -21.00
C LEU A 126 -3.99 -11.73 -22.45
N PHE A 127 -4.92 -12.56 -22.92
CA PHE A 127 -4.83 -13.07 -24.29
C PHE A 127 -5.04 -11.95 -25.33
N LYS A 128 -5.88 -10.97 -25.01
CA LYS A 128 -5.97 -9.77 -25.87
C LYS A 128 -4.61 -9.10 -26.05
N ALA A 129 -3.85 -8.97 -24.96
CA ALA A 129 -2.56 -8.31 -25.06
C ALA A 129 -1.62 -9.17 -25.86
N LEU A 130 -1.65 -10.48 -25.63
CA LEU A 130 -0.68 -11.34 -26.36
C LEU A 130 -1.03 -11.38 -27.85
N LYS A 131 -2.32 -11.40 -28.16
CA LYS A 131 -2.83 -11.31 -29.55
C LYS A 131 -2.23 -10.08 -30.25
N ARG A 132 -2.41 -8.92 -29.61
CA ARG A 132 -1.84 -7.66 -30.13
C ARG A 132 -0.34 -7.74 -30.41
N ILE A 133 0.47 -8.10 -29.41
CA ILE A 133 1.93 -8.09 -29.61
C ILE A 133 2.39 -9.11 -30.62
N HIS A 134 1.73 -10.28 -30.62
CA HIS A 134 2.04 -11.32 -31.59
C HIS A 134 1.68 -10.95 -33.03
N GLN A 135 0.62 -10.17 -33.24
CA GLN A 135 0.34 -9.62 -34.58
C GLN A 135 1.56 -8.90 -35.18
N PHE A 136 2.24 -8.12 -34.34
CA PHE A 136 3.43 -7.39 -34.74
C PHE A 136 4.69 -8.22 -34.79
N GLY A 137 4.56 -9.51 -34.53
CA GLY A 137 5.72 -10.38 -34.46
C GLY A 137 6.65 -10.11 -33.26
N ILE A 138 6.08 -9.73 -32.12
CA ILE A 138 6.88 -9.62 -30.88
C ILE A 138 6.75 -10.85 -29.97
N VAL A 139 7.85 -11.54 -29.75
CA VAL A 139 7.96 -12.53 -28.67
C VAL A 139 8.37 -11.80 -27.36
N HIS A 140 7.44 -11.64 -26.42
CA HIS A 140 7.71 -10.95 -25.15
C HIS A 140 8.86 -11.60 -24.40
N ARG A 141 8.79 -12.91 -24.23
CA ARG A 141 9.82 -13.71 -23.53
C ARG A 141 9.88 -13.55 -22.00
N ASP A 142 8.96 -12.80 -21.41
CA ASP A 142 8.99 -12.59 -19.96
C ASP A 142 7.59 -12.39 -19.45
N VAL A 143 6.67 -13.20 -19.97
CA VAL A 143 5.28 -13.09 -19.58
C VAL A 143 5.19 -13.78 -18.24
N LYS A 144 4.75 -13.03 -17.24
CA LYS A 144 4.61 -13.49 -15.85
C LYS A 144 3.87 -12.40 -15.10
N PRO A 145 3.33 -12.72 -13.92
CA PRO A 145 2.44 -11.76 -13.31
C PRO A 145 3.04 -10.38 -13.01
N SER A 146 4.34 -10.28 -12.71
CA SER A 146 4.93 -8.94 -12.44
C SER A 146 4.96 -8.05 -13.68
N ASN A 147 4.93 -8.66 -14.86
CA ASN A 147 4.87 -7.91 -16.10
C ASN A 147 3.52 -7.77 -16.71
N PHE A 148 2.48 -8.14 -15.97
CA PHE A 148 1.12 -7.98 -16.47
C PHE A 148 0.36 -7.35 -15.35
N LEU A 149 0.04 -6.07 -15.51
CA LEU A 149 -0.37 -5.24 -14.40
C LEU A 149 -1.86 -5.30 -14.32
N TYR A 150 -2.38 -5.45 -13.11
CA TYR A 150 -3.80 -5.71 -12.94
C TYR A 150 -4.42 -4.86 -11.85
N ASN A 151 -5.41 -4.08 -12.26
CA ASN A 151 -6.15 -3.21 -11.41
C ASN A 151 -7.53 -3.81 -11.27
N ARG A 152 -7.78 -4.45 -10.14
CA ARG A 152 -9.01 -5.20 -9.93
C ARG A 152 -10.23 -4.29 -9.87
N ARG A 153 -10.06 -3.14 -9.25
CA ARG A 153 -11.14 -2.19 -9.04
C ARG A 153 -11.66 -1.62 -10.35
N LEU A 154 -10.75 -1.19 -11.22
CA LEU A 154 -11.15 -0.55 -12.47
C LEU A 154 -11.24 -1.56 -13.59
N LYS A 155 -10.84 -2.80 -13.30
CA LYS A 155 -10.77 -3.87 -14.30
C LYS A 155 -9.91 -3.41 -15.49
N LYS A 156 -8.71 -2.92 -15.21
CA LYS A 156 -7.79 -2.57 -16.28
C LYS A 156 -6.54 -3.40 -16.17
N TYR A 157 -5.87 -3.57 -17.31
CA TYR A 157 -4.76 -4.49 -17.43
C TYR A 157 -3.75 -3.90 -18.36
N ALA A 158 -2.49 -4.25 -18.20
CA ALA A 158 -1.47 -3.81 -19.13
C ALA A 158 -0.30 -4.72 -19.09
N LEU A 159 0.09 -5.21 -20.25
CA LEU A 159 1.33 -5.95 -20.40
C LEU A 159 2.47 -4.94 -20.55
N VAL A 160 3.54 -5.08 -19.75
CA VAL A 160 4.64 -4.14 -19.72
C VAL A 160 5.96 -4.88 -19.88
N ASP A 161 7.03 -4.11 -19.97
CA ASP A 161 8.41 -4.65 -19.92
C ASP A 161 8.77 -5.43 -21.16
N PHE A 162 9.28 -4.73 -22.17
CA PHE A 162 9.74 -5.36 -23.40
C PHE A 162 11.25 -5.43 -23.43
N GLY A 163 11.87 -5.34 -22.24
CA GLY A 163 13.32 -5.38 -22.11
C GLY A 163 13.97 -6.70 -22.50
N LEU A 164 13.16 -7.75 -22.62
CA LEU A 164 13.65 -9.07 -23.05
C LEU A 164 13.14 -9.52 -24.43
N ALA A 165 12.24 -8.73 -25.03
CA ALA A 165 11.61 -9.08 -26.32
C ALA A 165 12.55 -9.50 -27.44
N GLN A 166 12.11 -10.46 -28.24
CA GLN A 166 12.79 -10.74 -29.50
C GLN A 166 11.77 -10.73 -30.62
N GLY A 167 12.25 -10.84 -31.85
CA GLY A 167 11.38 -10.78 -33.00
C GLY A 167 11.21 -12.15 -33.60
N THR A 168 10.02 -12.41 -34.14
CA THR A 168 9.87 -13.54 -35.07
C THR A 168 10.69 -13.22 -36.32
N HIS A 169 11.02 -14.25 -37.10
CA HIS A 169 11.77 -14.05 -38.35
C HIS A 169 11.16 -13.04 -39.30
N ASP A 170 9.84 -12.83 -39.23
CA ASP A 170 9.16 -11.82 -40.04
C ASP A 170 8.59 -10.67 -39.19
N THR A 171 9.31 -10.29 -38.15
CA THR A 171 8.78 -9.30 -37.22
C THR A 171 8.55 -7.97 -37.91
N LYS A 172 7.46 -7.32 -37.57
CA LYS A 172 7.20 -5.99 -38.11
C LYS A 172 7.99 -4.93 -37.35
N ILE A 173 8.66 -5.31 -36.25
CA ILE A 173 9.44 -4.37 -35.45
C ILE A 173 10.89 -4.48 -35.87
N GLU A 174 11.25 -3.64 -36.83
CA GLU A 174 12.53 -3.73 -37.55
C GLU A 174 13.71 -3.92 -36.61
N LEU A 175 13.71 -3.20 -35.49
CA LEU A 175 14.86 -3.23 -34.56
C LEU A 175 15.02 -4.53 -33.79
N LEU A 176 13.94 -5.28 -33.59
CA LEU A 176 14.04 -6.56 -32.87
C LEU A 176 14.99 -7.56 -33.54
N LYS A 177 15.20 -7.42 -34.86
CA LYS A 177 16.16 -8.27 -35.61
C LYS A 177 17.61 -8.15 -35.11
N PHE A 178 17.91 -7.14 -34.31
CA PHE A 178 19.27 -6.93 -33.80
C PHE A 178 19.51 -7.54 -32.41
N VAL A 179 18.42 -7.89 -31.74
CA VAL A 179 18.53 -8.67 -30.52
C VAL A 179 18.97 -10.10 -30.86
N GLN A 180 20.19 -10.46 -30.46
CA GLN A 180 20.69 -11.80 -30.70
C GLN A 180 19.89 -12.84 -29.92
N SER A 181 19.73 -14.02 -30.50
CA SER A 181 19.08 -15.14 -29.83
C SER A 181 19.95 -15.64 -28.68
N GLU A 182 19.32 -15.72 -27.51
CA GLU A 182 19.85 -16.42 -26.36
C GLU A 182 20.37 -17.77 -26.82
N ALA A 183 19.57 -18.42 -27.66
CA ALA A 183 19.92 -19.68 -28.28
C ALA A 183 21.17 -19.61 -29.17
N GLN A 184 21.33 -18.48 -29.88
CA GLN A 184 22.49 -18.29 -30.76
C GLN A 184 23.79 -18.18 -29.95
N GLN A 185 23.78 -17.28 -28.96
CA GLN A 185 24.77 -17.18 -27.87
C GLN A 185 24.67 -15.81 -27.20
N ARG A 206 20.04 -11.83 -22.24
CA ARG A 206 19.21 -11.54 -21.05
C ARG A 206 18.17 -12.64 -20.73
N ALA A 207 18.50 -13.50 -19.76
CA ALA A 207 17.61 -14.61 -19.38
C ALA A 207 16.39 -14.14 -18.58
N GLY A 208 15.32 -14.92 -18.59
CA GLY A 208 14.13 -14.60 -17.81
C GLY A 208 14.06 -15.44 -16.56
N THR A 209 12.84 -15.69 -16.10
CA THR A 209 12.59 -16.49 -14.91
C THR A 209 12.34 -17.92 -15.34
N PRO A 210 13.24 -18.86 -14.93
CA PRO A 210 13.11 -20.26 -15.36
C PRO A 210 11.67 -20.79 -15.26
N GLY A 211 10.97 -20.45 -14.19
CA GLY A 211 9.64 -20.94 -13.94
C GLY A 211 8.53 -20.57 -14.94
N PHE A 212 8.78 -19.62 -15.83
CA PHE A 212 7.75 -19.25 -16.80
C PHE A 212 8.17 -19.58 -18.22
N ARG A 213 9.34 -20.20 -18.36
CA ARG A 213 9.96 -20.48 -19.62
C ARG A 213 9.57 -21.84 -20.17
N ALA A 214 9.19 -21.86 -21.45
CA ALA A 214 8.64 -23.04 -22.13
C ALA A 214 9.78 -24.02 -22.27
N PRO A 215 9.47 -25.31 -22.44
CA PRO A 215 10.49 -26.34 -22.54
C PRO A 215 11.46 -26.20 -23.71
N GLU A 216 11.00 -25.68 -24.86
CA GLU A 216 11.89 -25.46 -26.00
C GLU A 216 12.87 -24.29 -25.67
N VAL A 217 12.46 -23.38 -24.78
CA VAL A 217 13.34 -22.33 -24.28
C VAL A 217 14.32 -22.97 -23.28
N LEU A 218 13.77 -23.70 -22.30
CA LEU A 218 14.59 -24.33 -21.26
C LEU A 218 15.66 -25.25 -21.87
N THR A 219 15.39 -25.81 -23.04
CA THR A 219 16.33 -26.78 -23.63
C THR A 219 17.22 -26.14 -24.69
N LYS A 220 17.12 -24.82 -24.84
CA LYS A 220 17.98 -24.01 -25.71
C LYS A 220 17.70 -24.26 -27.19
N CYS A 221 16.44 -24.51 -27.52
CA CYS A 221 16.04 -24.68 -28.91
C CYS A 221 16.28 -23.37 -29.68
N PRO A 222 17.01 -23.45 -30.82
CA PRO A 222 17.36 -22.26 -31.62
C PRO A 222 16.15 -21.53 -32.19
N ASN A 223 15.10 -22.25 -32.53
CA ASN A 223 13.89 -21.65 -33.07
C ASN A 223 12.92 -21.41 -31.92
N GLN A 224 12.60 -20.16 -31.63
CA GLN A 224 11.70 -19.84 -30.54
C GLN A 224 10.67 -18.82 -31.00
N THR A 225 9.40 -19.18 -30.86
CA THR A 225 8.31 -18.46 -31.52
C THR A 225 7.39 -17.84 -30.49
N THR A 226 6.34 -17.20 -30.95
CA THR A 226 5.36 -16.61 -30.06
C THR A 226 4.65 -17.63 -29.13
N ALA A 227 4.71 -18.91 -29.47
CA ALA A 227 4.19 -19.98 -28.61
C ALA A 227 4.87 -19.96 -27.23
N ILE A 228 6.09 -19.44 -27.13
CA ILE A 228 6.73 -19.39 -25.82
C ILE A 228 5.95 -18.48 -24.86
N ASP A 229 5.38 -17.38 -25.36
CA ASP A 229 4.55 -16.54 -24.50
C ASP A 229 3.26 -17.24 -24.06
N MET A 230 2.72 -18.09 -24.92
CA MET A 230 1.48 -18.80 -24.63
C MET A 230 1.66 -19.87 -23.51
N TRP A 231 2.79 -20.57 -23.54
CA TRP A 231 3.18 -21.40 -22.39
C TRP A 231 3.16 -20.58 -21.11
N SER A 232 3.80 -19.42 -21.15
CA SER A 232 3.91 -18.54 -19.97
C SER A 232 2.53 -18.18 -19.42
N ALA A 233 1.60 -17.86 -20.31
CA ALA A 233 0.21 -17.55 -19.86
C ALA A 233 -0.41 -18.81 -19.32
N GLY A 234 0.03 -19.96 -19.84
CA GLY A 234 -0.39 -21.25 -19.28
C GLY A 234 0.12 -21.43 -17.83
N VAL A 235 1.36 -21.00 -17.57
CA VAL A 235 1.88 -21.07 -16.19
C VAL A 235 1.11 -20.15 -15.24
N ILE A 236 0.81 -18.94 -15.68
CA ILE A 236 -0.05 -18.05 -14.91
C ILE A 236 -1.41 -18.69 -14.60
N PHE A 237 -2.06 -19.25 -15.62
CA PHE A 237 -3.42 -19.85 -15.48
C PHE A 237 -3.33 -20.98 -14.46
N LEU A 238 -2.26 -21.76 -14.55
CA LEU A 238 -2.01 -22.81 -13.60
C LEU A 238 -1.92 -22.31 -12.13
N SER A 239 -1.24 -21.16 -11.91
CA SER A 239 -1.17 -20.57 -10.59
C SER A 239 -2.56 -20.17 -10.16
N LEU A 240 -3.34 -19.65 -11.11
CA LEU A 240 -4.67 -19.16 -10.78
C LEU A 240 -5.62 -20.31 -10.43
N LEU A 241 -5.45 -21.44 -11.07
CA LEU A 241 -6.39 -22.55 -10.89
C LEU A 241 -6.04 -23.38 -9.64
N SER A 242 -4.74 -23.44 -9.32
CA SER A 242 -4.22 -24.16 -8.15
C SER A 242 -4.14 -23.34 -6.84
N GLY A 243 -4.24 -22.01 -6.94
CA GLY A 243 -3.94 -21.12 -5.80
C GLY A 243 -2.48 -21.06 -5.33
N ARG A 244 -1.56 -21.59 -6.13
CA ARG A 244 -0.13 -21.60 -5.80
C ARG A 244 0.70 -20.68 -6.69
N TYR A 245 1.46 -19.76 -6.07
CA TYR A 245 2.39 -18.91 -6.82
C TYR A 245 3.56 -18.60 -5.91
N PRO A 246 4.81 -18.76 -6.38
CA PRO A 246 5.22 -19.19 -7.74
C PRO A 246 4.98 -20.65 -7.90
N PHE A 247 4.42 -21.05 -9.04
CA PHE A 247 4.11 -22.44 -9.21
C PHE A 247 5.38 -23.25 -9.31
N TYR A 248 6.19 -22.99 -10.33
CA TYR A 248 7.48 -23.68 -10.51
C TYR A 248 8.63 -22.88 -9.90
N LYS A 249 9.01 -23.20 -8.68
CA LYS A 249 10.07 -22.51 -7.96
C LYS A 249 11.42 -23.13 -8.36
N ALA A 250 12.14 -22.47 -9.24
CA ALA A 250 13.43 -22.98 -9.73
C ALA A 250 14.40 -21.84 -9.96
N SER A 251 15.65 -22.08 -9.64
CA SER A 251 16.66 -21.07 -9.79
C SER A 251 17.44 -21.26 -11.09
N ASP A 252 17.31 -22.42 -11.74
CA ASP A 252 17.87 -22.59 -13.06
C ASP A 252 16.92 -23.33 -14.02
N ASP A 253 17.28 -23.37 -15.30
CA ASP A 253 16.39 -23.85 -16.35
C ASP A 253 16.04 -25.34 -16.25
N LEU A 254 17.05 -26.21 -16.07
CA LEU A 254 16.78 -27.64 -16.00
C LEU A 254 15.96 -28.03 -14.76
N THR A 255 16.08 -27.26 -13.66
CA THR A 255 15.26 -27.51 -12.49
C THR A 255 13.82 -27.23 -12.81
N ALA A 256 13.59 -26.14 -13.55
CA ALA A 256 12.23 -25.85 -14.06
C ALA A 256 11.78 -26.99 -14.96
N LEU A 257 12.70 -27.54 -15.77
CA LEU A 257 12.31 -28.62 -16.66
C LEU A 257 11.93 -29.90 -15.89
N ALA A 258 12.74 -30.28 -14.89
CA ALA A 258 12.43 -31.43 -14.02
C ALA A 258 11.06 -31.21 -13.36
N GLN A 259 10.79 -30.01 -12.90
CA GLN A 259 9.48 -29.75 -12.32
C GLN A 259 8.35 -29.90 -13.37
N ILE A 260 8.60 -29.46 -14.60
CA ILE A 260 7.61 -29.55 -15.66
C ILE A 260 7.24 -31.02 -15.95
N MET A 261 8.27 -31.86 -16.07
CA MET A 261 8.08 -33.28 -16.29
C MET A 261 7.25 -33.93 -15.20
N THR A 262 7.40 -33.44 -13.95
CA THR A 262 6.54 -33.88 -12.86
C THR A 262 5.07 -33.51 -13.12
N ILE A 263 4.82 -32.40 -13.78
CA ILE A 263 3.41 -32.05 -14.03
C ILE A 263 2.89 -32.75 -15.28
N ARG A 264 3.72 -32.79 -16.33
CA ARG A 264 3.21 -33.06 -17.69
C ARG A 264 3.69 -34.41 -18.15
N GLY A 265 4.53 -35.05 -17.33
CA GLY A 265 4.99 -36.40 -17.54
C GLY A 265 6.29 -36.37 -18.28
N SER A 266 7.24 -37.18 -17.85
CA SER A 266 8.56 -37.20 -18.47
C SER A 266 8.64 -37.84 -19.84
N ARG A 267 7.85 -38.90 -20.05
CA ARG A 267 7.73 -39.53 -21.37
C ARG A 267 7.17 -38.55 -22.38
N GLU A 268 6.09 -37.88 -21.99
CA GLU A 268 5.43 -36.89 -22.82
C GLU A 268 6.39 -35.75 -23.19
N THR A 269 7.24 -35.35 -22.22
CA THR A 269 8.17 -34.25 -22.45
C THR A 269 9.31 -34.70 -23.35
N ILE A 270 9.81 -35.91 -23.09
CA ILE A 270 10.89 -36.50 -23.89
C ILE A 270 10.39 -36.67 -25.34
N GLN A 271 9.15 -37.12 -25.50
CA GLN A 271 8.57 -37.25 -26.84
C GLN A 271 8.49 -35.93 -27.57
N ALA A 272 7.95 -34.91 -26.90
CA ALA A 272 7.73 -33.60 -27.51
C ALA A 272 9.05 -32.92 -27.86
N ALA A 273 10.07 -33.13 -27.03
CA ALA A 273 11.41 -32.52 -27.25
C ALA A 273 12.13 -33.06 -28.48
N LYS A 274 11.89 -34.32 -28.81
CA LYS A 274 12.40 -34.88 -30.06
C LYS A 274 11.84 -34.13 -31.27
N THR A 275 10.56 -33.81 -31.26
CA THR A 275 9.99 -33.09 -32.39
C THR A 275 10.61 -31.71 -32.59
N PHE A 276 11.34 -31.19 -31.60
CA PHE A 276 12.12 -29.98 -31.83
C PHE A 276 13.65 -30.12 -31.69
N GLY A 277 14.16 -31.32 -31.93
CA GLY A 277 15.60 -31.51 -32.14
C GLY A 277 16.43 -31.74 -30.90
N LYS A 278 15.74 -31.89 -29.76
CA LYS A 278 16.42 -32.08 -28.47
C LYS A 278 16.17 -33.47 -27.90
N SER A 279 17.24 -34.09 -27.42
CA SER A 279 17.16 -35.36 -26.76
C SER A 279 17.29 -35.22 -25.25
N ILE A 280 16.21 -35.52 -24.53
CA ILE A 280 16.18 -35.44 -23.07
C ILE A 280 16.26 -36.83 -22.45
N LEU A 281 17.22 -37.03 -21.54
CA LEU A 281 17.31 -38.24 -20.76
C LEU A 281 16.96 -37.88 -19.33
N CYS A 282 16.07 -38.66 -18.72
CA CYS A 282 15.61 -38.42 -17.35
C CYS A 282 15.70 -39.77 -16.66
N SER A 283 16.32 -39.84 -15.49
CA SER A 283 16.54 -41.16 -14.88
C SER A 283 15.32 -41.70 -14.12
N LYS A 284 14.49 -40.81 -13.59
CA LYS A 284 13.26 -41.25 -12.94
C LYS A 284 12.07 -40.93 -13.83
N GLU A 285 11.31 -41.95 -14.21
CA GLU A 285 10.10 -41.72 -14.99
C GLU A 285 9.01 -41.26 -14.06
N VAL A 286 8.37 -40.13 -14.38
CA VAL A 286 7.23 -39.66 -13.62
C VAL A 286 6.06 -39.53 -14.60
N PRO A 287 4.82 -39.80 -14.14
CA PRO A 287 3.61 -39.73 -14.98
C PRO A 287 2.94 -38.35 -15.07
N ALA A 288 2.19 -38.12 -16.14
CA ALA A 288 1.52 -36.86 -16.36
C ALA A 288 0.38 -36.81 -15.39
N GLN A 289 0.09 -35.62 -14.89
CA GLN A 289 -1.01 -35.44 -13.95
C GLN A 289 -2.27 -35.03 -14.68
N ASP A 290 -3.41 -35.52 -14.21
CA ASP A 290 -4.66 -34.96 -14.61
C ASP A 290 -4.69 -33.53 -14.06
N LEU A 291 -5.08 -32.56 -14.89
CA LEU A 291 -4.95 -31.17 -14.52
C LEU A 291 -6.02 -30.75 -13.54
N ARG A 292 -7.24 -31.29 -13.70
CA ARG A 292 -8.30 -30.97 -12.74
C ARG A 292 -7.93 -31.42 -11.30
N LYS A 293 -7.65 -32.69 -11.13
CA LYS A 293 -7.21 -33.25 -9.84
C LYS A 293 -6.05 -32.50 -9.19
N LEU A 294 -4.97 -32.30 -9.95
CA LEU A 294 -3.81 -31.55 -9.49
C LEU A 294 -4.22 -30.19 -8.92
N CYS A 295 -4.95 -29.40 -9.70
CA CYS A 295 -5.42 -28.08 -9.27
C CYS A 295 -6.39 -28.13 -8.08
N GLU A 296 -7.30 -29.09 -8.07
CA GLU A 296 -8.30 -29.15 -7.00
C GLU A 296 -7.65 -29.58 -5.67
N ARG A 297 -6.76 -30.57 -5.72
CA ARG A 297 -6.01 -30.97 -4.55
C ARG A 297 -5.18 -29.80 -4.02
N LEU A 298 -4.64 -28.97 -4.92
CA LEU A 298 -3.76 -27.88 -4.48
C LEU A 298 -4.52 -26.70 -3.91
N ARG A 299 -5.74 -26.48 -4.40
CA ARG A 299 -6.51 -25.27 -4.13
C ARG A 299 -7.45 -25.32 -2.92
N GLY A 321 -17.35 -19.00 -7.78
CA GLY A 321 -17.84 -20.18 -8.49
C GLY A 321 -16.82 -21.30 -8.56
N TRP A 322 -15.99 -21.41 -7.53
CA TRP A 322 -14.90 -22.38 -7.50
C TRP A 322 -15.33 -23.80 -7.28
N ASN A 323 -16.62 -23.97 -7.00
CA ASN A 323 -17.21 -25.30 -6.82
C ASN A 323 -17.57 -25.96 -8.15
N GLU A 324 -17.79 -25.16 -9.18
CA GLU A 324 -18.11 -25.70 -10.50
C GLU A 324 -17.21 -25.13 -11.59
N VAL A 325 -15.90 -25.35 -11.47
CA VAL A 325 -15.00 -24.95 -12.53
C VAL A 325 -15.30 -25.87 -13.72
N PRO A 326 -15.61 -25.31 -14.90
CA PRO A 326 -15.98 -26.14 -16.07
C PRO A 326 -14.79 -26.92 -16.61
N ASP A 327 -15.08 -28.03 -17.28
CA ASP A 327 -14.04 -28.80 -17.96
C ASP A 327 -13.23 -27.94 -18.93
N GLU A 328 -13.90 -27.04 -19.62
CA GLU A 328 -13.24 -26.15 -20.57
C GLU A 328 -12.02 -25.41 -19.97
N ALA A 329 -12.06 -25.10 -18.67
CA ALA A 329 -10.94 -24.42 -17.99
C ALA A 329 -9.69 -25.26 -18.08
N TYR A 330 -9.85 -26.51 -17.68
CA TYR A 330 -8.75 -27.44 -17.62
C TYR A 330 -8.37 -27.83 -19.03
N ASP A 331 -9.34 -27.77 -19.95
CA ASP A 331 -9.06 -28.07 -21.36
C ASP A 331 -8.16 -26.97 -21.98
N LEU A 332 -8.52 -25.72 -21.75
CA LEU A 332 -7.66 -24.61 -22.18
C LEU A 332 -6.25 -24.70 -21.57
N LEU A 333 -6.18 -25.01 -20.27
CA LEU A 333 -4.88 -25.16 -19.58
C LEU A 333 -4.02 -26.19 -20.27
N ASP A 334 -4.65 -27.32 -20.62
CA ASP A 334 -3.94 -28.37 -21.33
C ASP A 334 -3.38 -27.87 -22.67
N LYS A 335 -4.15 -27.04 -23.39
CA LYS A 335 -3.67 -26.51 -24.69
C LYS A 335 -2.54 -25.50 -24.55
N LEU A 336 -2.62 -24.66 -23.52
CA LEU A 336 -1.51 -23.72 -23.23
C LEU A 336 -0.23 -24.41 -22.77
N LEU A 337 -0.38 -25.49 -22.01
CA LEU A 337 0.80 -26.20 -21.52
C LEU A 337 1.12 -27.39 -22.41
N ASP A 338 0.82 -27.23 -23.71
CA ASP A 338 1.16 -28.23 -24.71
C ASP A 338 2.67 -28.25 -24.78
N LEU A 339 3.27 -29.40 -24.54
CA LEU A 339 4.73 -29.52 -24.58
C LEU A 339 5.31 -29.35 -25.98
N ASN A 340 4.49 -29.57 -27.00
CA ASN A 340 4.90 -29.31 -28.39
C ASN A 340 4.57 -27.86 -28.79
N PRO A 341 5.61 -27.06 -29.10
CA PRO A 341 5.38 -25.65 -29.43
C PRO A 341 4.60 -25.44 -30.75
N ALA A 342 4.72 -26.40 -31.68
CA ALA A 342 3.95 -26.33 -32.96
C ALA A 342 2.44 -26.48 -32.76
N SER A 343 2.02 -27.38 -31.87
CA SER A 343 0.58 -27.59 -31.69
C SER A 343 0.01 -26.73 -30.57
N ARG A 344 0.88 -26.20 -29.70
CA ARG A 344 0.40 -25.27 -28.65
C ARG A 344 -0.60 -24.22 -29.17
N ILE A 345 -1.62 -23.94 -28.38
CA ILE A 345 -2.65 -22.99 -28.83
C ILE A 345 -2.08 -21.55 -29.01
N THR A 346 -2.61 -20.79 -29.98
CA THR A 346 -2.17 -19.41 -30.22
C THR A 346 -3.12 -18.49 -29.44
N ALA A 347 -2.68 -17.25 -29.21
CA ALA A 347 -3.51 -16.24 -28.54
C ALA A 347 -4.83 -15.95 -29.20
N GLU A 348 -4.86 -15.79 -30.53
CA GLU A 348 -6.21 -15.62 -31.16
C GLU A 348 -7.03 -16.93 -31.08
N GLU A 349 -6.39 -18.09 -31.18
CA GLU A 349 -7.18 -19.33 -30.88
C GLU A 349 -7.79 -19.31 -29.44
N ALA A 350 -6.98 -18.94 -28.44
CA ALA A 350 -7.45 -18.95 -27.03
C ALA A 350 -8.73 -18.12 -26.82
N LEU A 351 -8.75 -16.96 -27.45
CA LEU A 351 -9.88 -16.04 -27.30
C LEU A 351 -11.17 -16.64 -27.84
N LEU A 352 -11.04 -17.63 -28.72
CA LEU A 352 -12.18 -18.31 -29.33
C LEU A 352 -12.47 -19.61 -28.57
N HIS A 353 -11.70 -19.90 -27.54
CA HIS A 353 -11.97 -21.08 -26.73
C HIS A 353 -13.29 -20.99 -26.03
N PRO A 354 -14.04 -22.11 -25.97
CA PRO A 354 -15.32 -22.13 -25.27
C PRO A 354 -15.26 -21.75 -23.79
N PHE A 355 -14.07 -21.85 -23.17
CA PHE A 355 -13.88 -21.27 -21.84
C PHE A 355 -14.37 -19.84 -21.77
N PHE A 356 -14.15 -19.08 -22.86
CA PHE A 356 -14.61 -17.67 -22.87
C PHE A 356 -15.98 -17.41 -23.51
N LYS A 357 -16.77 -18.46 -23.72
CA LYS A 357 -18.15 -18.25 -24.12
C LYS A 357 -18.91 -17.75 -22.89
N ASP A 358 -19.76 -16.72 -23.01
CA ASP A 358 -19.78 -15.78 -24.11
C ASP A 358 -19.44 -14.45 -23.44
N MET A 359 -18.30 -13.88 -23.79
CA MET A 359 -17.85 -12.64 -23.18
C MET A 359 -17.59 -11.60 -24.28
N ARG B 8 26.82 -44.51 -15.98
CA ARG B 8 27.86 -43.47 -15.72
C ARG B 8 27.44 -42.37 -14.74
N LEU B 9 26.30 -41.73 -14.98
CA LEU B 9 25.84 -40.57 -14.20
C LEU B 9 25.17 -40.96 -12.91
N LYS B 10 25.50 -40.26 -11.83
CA LYS B 10 24.87 -40.47 -10.53
C LYS B 10 23.40 -40.00 -10.53
N LYS B 11 22.50 -40.85 -10.05
CA LYS B 11 21.06 -40.57 -10.06
C LYS B 11 20.68 -39.80 -8.80
N PRO B 12 19.63 -38.99 -8.88
CA PRO B 12 18.83 -38.68 -10.06
C PRO B 12 19.50 -37.66 -10.99
N PHE B 13 19.28 -37.81 -12.30
CA PHE B 13 19.78 -36.83 -13.24
C PHE B 13 18.81 -36.48 -14.38
N VAL B 14 18.99 -35.28 -14.93
CA VAL B 14 18.40 -34.92 -16.20
C VAL B 14 19.52 -34.54 -17.14
N LYS B 15 19.48 -35.08 -18.36
CA LYS B 15 20.45 -34.68 -19.40
C LYS B 15 19.80 -34.18 -20.67
N VAL B 16 20.24 -33.02 -21.13
CA VAL B 16 19.72 -32.49 -22.38
C VAL B 16 20.84 -32.41 -23.40
N GLU B 17 20.59 -32.95 -24.59
CA GLU B 17 21.46 -32.73 -25.72
C GLU B 17 20.73 -32.46 -27.00
N ASP B 18 21.42 -31.77 -27.89
CA ASP B 18 20.90 -31.33 -29.16
C ASP B 18 21.15 -32.46 -30.15
N MET B 19 20.11 -32.83 -30.90
CA MET B 19 20.24 -33.92 -31.85
C MET B 19 21.20 -33.61 -33.03
N SER B 20 21.43 -32.33 -33.32
CA SER B 20 22.37 -31.95 -34.37
C SER B 20 23.78 -31.59 -33.84
N GLN B 21 24.04 -31.85 -32.55
CA GLN B 21 25.33 -31.50 -31.88
C GLN B 21 25.77 -30.02 -32.00
N LEU B 22 24.84 -29.14 -32.35
CA LEU B 22 25.13 -27.71 -32.46
C LEU B 22 25.19 -27.09 -31.07
N TYR B 23 25.03 -27.92 -30.05
CA TYR B 23 25.12 -27.51 -28.65
C TYR B 23 25.93 -28.50 -27.82
N ARG B 24 26.46 -28.01 -26.71
CA ARG B 24 27.11 -28.82 -25.70
C ARG B 24 26.02 -29.55 -24.91
N PRO B 25 26.24 -30.83 -24.54
CA PRO B 25 25.33 -31.46 -23.59
C PRO B 25 25.30 -30.68 -22.27
N PHE B 26 24.13 -30.45 -21.70
CA PHE B 26 24.09 -29.96 -20.31
C PHE B 26 23.28 -30.84 -19.36
N TYR B 27 23.52 -30.68 -18.07
CA TYR B 27 23.04 -31.61 -17.03
C TYR B 27 22.41 -30.93 -15.82
N LEU B 28 21.58 -31.70 -15.14
CA LEU B 28 21.11 -31.41 -13.79
C LEU B 28 21.25 -32.70 -12.97
N GLN B 29 21.80 -32.57 -11.76
CA GLN B 29 21.84 -33.66 -10.79
C GLN B 29 21.36 -33.08 -9.51
N LEU B 30 20.36 -33.68 -8.92
CA LEU B 30 19.82 -33.18 -7.65
C LEU B 30 19.94 -34.28 -6.60
N THR B 31 19.61 -33.97 -5.35
CA THR B 31 19.57 -35.01 -4.32
C THR B 31 18.29 -35.79 -4.50
N ASN B 32 17.19 -35.08 -4.70
CA ASN B 32 15.88 -35.68 -5.00
C ASN B 32 15.25 -35.01 -6.21
N MET B 33 14.64 -35.80 -7.07
CA MET B 33 13.76 -35.24 -8.12
C MET B 33 12.68 -34.38 -7.46
N PRO B 34 12.18 -33.36 -8.17
CA PRO B 34 11.06 -32.63 -7.59
C PRO B 34 9.91 -33.60 -7.31
N PHE B 35 9.20 -33.32 -6.25
CA PHE B 35 8.07 -34.13 -5.85
C PHE B 35 6.96 -33.13 -5.61
N ILE B 36 5.76 -33.43 -6.06
CA ILE B 36 4.62 -32.55 -5.89
C ILE B 36 4.02 -32.69 -4.47
N ASN B 37 4.18 -31.64 -3.67
CA ASN B 37 3.76 -31.63 -2.26
C ASN B 37 2.41 -30.97 -2.12
N TYR B 38 1.33 -31.76 -2.03
CA TYR B 38 -0.01 -31.22 -1.79
C TYR B 38 -0.22 -30.76 -0.35
N SER B 39 0.64 -31.21 0.59
CA SER B 39 0.42 -30.88 2.02
C SER B 39 0.85 -29.46 2.42
N ILE B 40 1.93 -28.95 1.86
CA ILE B 40 2.32 -27.56 2.16
C ILE B 40 1.14 -26.60 1.83
N GLN B 41 1.00 -25.55 2.64
CA GLN B 41 -0.16 -24.66 2.57
C GLN B 41 -0.14 -23.67 1.40
N LYS B 42 -1.33 -23.31 0.91
CA LYS B 42 -1.49 -22.17 0.00
C LYS B 42 -0.81 -20.97 0.65
N PRO B 43 -0.12 -20.10 -0.14
CA PRO B 43 0.04 -20.20 -1.61
C PRO B 43 1.39 -20.76 -2.05
N CYS B 44 2.07 -21.54 -1.20
CA CYS B 44 3.40 -22.04 -1.53
C CYS B 44 3.49 -22.96 -2.74
N SER B 45 4.62 -22.90 -3.44
CA SER B 45 4.94 -23.85 -4.51
C SER B 45 4.84 -25.31 -4.00
N PRO B 46 4.23 -26.21 -4.80
CA PRO B 46 4.23 -27.63 -4.40
C PRO B 46 5.64 -28.18 -4.54
N PHE B 47 6.55 -27.38 -5.09
CA PHE B 47 7.97 -27.81 -5.12
C PHE B 47 8.81 -27.11 -4.06
N ASP B 48 8.14 -26.43 -3.14
CA ASP B 48 8.90 -25.55 -2.23
C ASP B 48 9.76 -26.34 -1.23
N GLY B 88 28.24 -6.73 -12.37
CA GLY B 88 27.59 -7.06 -13.63
C GLY B 88 28.46 -7.03 -14.88
N TYR B 89 27.80 -6.81 -16.03
CA TYR B 89 28.44 -6.80 -17.34
C TYR B 89 27.91 -5.64 -18.20
N CYS B 90 28.80 -4.95 -18.92
CA CYS B 90 28.36 -3.81 -19.72
C CYS B 90 28.18 -4.16 -21.18
N GLU B 91 26.97 -3.93 -21.69
CA GLU B 91 26.61 -4.28 -23.07
C GLU B 91 27.20 -3.28 -24.04
N CYS B 92 27.54 -2.10 -23.53
CA CYS B 92 28.11 -1.02 -24.34
C CYS B 92 29.60 -1.20 -24.50
N CYS B 93 30.27 -1.53 -23.39
CA CYS B 93 31.70 -1.71 -23.40
C CYS B 93 32.11 -3.17 -23.62
N LEU B 94 31.11 -4.05 -23.72
CA LEU B 94 31.32 -5.50 -23.96
C LEU B 94 32.34 -6.08 -22.99
N GLN B 95 32.25 -5.68 -21.73
CA GLN B 95 33.19 -6.15 -20.71
C GLN B 95 32.59 -6.19 -19.31
N LYS B 96 33.01 -7.20 -18.55
CA LYS B 96 32.59 -7.40 -17.19
C LYS B 96 33.24 -6.38 -16.26
N TYR B 97 32.51 -5.97 -15.23
CA TYR B 97 33.03 -5.03 -14.24
C TYR B 97 32.72 -5.51 -12.83
N GLU B 98 33.51 -5.02 -11.87
CA GLU B 98 33.33 -5.39 -10.48
C GLU B 98 32.41 -4.39 -9.77
N ASP B 99 32.51 -3.12 -10.15
CA ASP B 99 31.66 -2.07 -9.57
C ASP B 99 31.04 -1.17 -10.63
N LEU B 100 29.71 -1.06 -10.58
CA LEU B 100 28.96 -0.29 -11.58
C LEU B 100 29.32 1.19 -11.57
N GLU B 101 29.15 1.86 -10.42
CA GLU B 101 29.36 3.31 -10.29
C GLU B 101 30.74 3.76 -10.75
N THR B 102 31.76 2.94 -10.53
CA THR B 102 33.09 3.30 -11.01
C THR B 102 33.22 2.97 -12.50
N HIS B 103 32.62 1.86 -12.94
CA HIS B 103 32.63 1.59 -14.39
C HIS B 103 31.97 2.67 -15.21
N LEU B 104 30.90 3.26 -14.67
CA LEU B 104 30.20 4.34 -15.33
C LEU B 104 31.07 5.58 -15.47
N LEU B 105 32.15 5.66 -14.67
CA LEU B 105 33.05 6.82 -14.68
C LEU B 105 34.30 6.56 -15.50
N SER B 106 34.59 5.28 -15.75
CA SER B 106 35.71 4.86 -16.61
C SER B 106 35.69 5.56 -17.97
N GLU B 107 36.86 5.77 -18.58
CA GLU B 107 36.88 6.51 -19.84
C GLU B 107 36.27 5.72 -20.99
N GLN B 108 36.47 4.40 -20.99
CA GLN B 108 35.81 3.58 -22.00
C GLN B 108 34.30 3.85 -22.01
N HIS B 109 33.64 3.69 -20.87
CA HIS B 109 32.20 3.91 -20.80
C HIS B 109 31.77 5.31 -21.08
N ARG B 110 32.51 6.28 -20.54
CA ARG B 110 32.14 7.69 -20.69
C ARG B 110 32.20 8.16 -22.15
N ASN B 111 33.16 7.62 -22.91
CA ASN B 111 33.24 7.84 -24.36
C ASN B 111 31.97 7.35 -25.06
N PHE B 112 31.67 6.06 -24.87
CA PHE B 112 30.45 5.46 -25.42
C PHE B 112 29.23 6.30 -25.08
N ALA B 113 29.05 6.61 -23.79
CA ALA B 113 27.90 7.36 -23.31
C ALA B 113 27.64 8.66 -24.07
N GLN B 114 28.71 9.30 -24.57
CA GLN B 114 28.58 10.61 -25.21
C GLN B 114 28.57 10.54 -26.74
N SER B 115 28.76 9.34 -27.26
CA SER B 115 28.86 9.13 -28.69
C SER B 115 27.52 9.24 -29.44
N ASN B 116 27.60 8.91 -30.72
CA ASN B 116 26.48 8.90 -31.67
C ASN B 116 25.60 7.63 -31.59
N GLN B 117 26.01 6.66 -30.78
CA GLN B 117 25.41 5.34 -30.75
C GLN B 117 23.95 5.32 -30.29
N TYR B 118 23.51 6.42 -29.69
CA TYR B 118 22.13 6.55 -29.28
C TYR B 118 21.24 7.21 -30.33
N GLN B 119 21.76 7.40 -31.55
CA GLN B 119 20.93 7.97 -32.61
C GLN B 119 19.67 7.11 -32.80
N VAL B 120 19.87 5.80 -32.83
CA VAL B 120 18.77 4.83 -32.88
C VAL B 120 17.65 5.11 -31.86
N VAL B 121 18.01 5.56 -30.66
CA VAL B 121 16.98 5.95 -29.69
C VAL B 121 16.34 7.29 -30.05
N ASP B 122 17.18 8.30 -30.32
CA ASP B 122 16.69 9.63 -30.69
C ASP B 122 15.71 9.65 -31.88
N ASP B 123 16.00 8.83 -32.89
CA ASP B 123 15.07 8.66 -34.04
C ASP B 123 13.66 8.28 -33.61
N ILE B 124 13.52 7.30 -32.71
CA ILE B 124 12.20 6.97 -32.19
C ILE B 124 11.67 8.12 -31.37
N VAL B 125 12.51 8.72 -30.54
CA VAL B 125 12.07 9.80 -29.64
C VAL B 125 11.49 10.99 -30.42
N SER B 126 12.10 11.32 -31.56
CA SER B 126 11.61 12.41 -32.40
C SER B 126 10.37 12.04 -33.21
N LYS B 127 9.77 10.88 -32.91
CA LYS B 127 8.47 10.49 -33.47
C LYS B 127 7.31 10.64 -32.48
N LEU B 128 7.63 10.76 -31.18
CA LEU B 128 6.60 10.84 -30.16
C LEU B 128 6.16 12.29 -29.92
N VAL B 129 4.93 12.50 -29.48
CA VAL B 129 4.42 13.83 -29.19
C VAL B 129 4.57 14.15 -27.69
N PHE B 130 5.21 15.28 -27.38
CA PHE B 130 5.36 15.74 -26.02
C PHE B 130 4.08 16.46 -25.65
N ASP B 131 3.41 16.03 -24.59
CA ASP B 131 2.15 16.67 -24.20
C ASP B 131 2.10 17.11 -22.73
N PHE B 132 3.27 17.13 -22.11
CA PHE B 132 3.40 17.65 -20.74
C PHE B 132 3.68 19.16 -20.75
N VAL B 133 3.34 19.82 -19.64
CA VAL B 133 3.76 21.21 -19.39
C VAL B 133 5.19 21.20 -18.86
N GLU B 134 6.06 21.95 -19.53
CA GLU B 134 7.44 22.08 -19.13
C GLU B 134 7.70 23.45 -18.49
N TYR B 135 8.51 23.47 -17.43
CA TYR B 135 8.83 24.71 -16.70
C TYR B 135 10.26 25.16 -16.95
N GLU B 136 10.49 26.47 -16.82
CA GLU B 136 11.80 27.09 -17.08
C GLU B 136 12.87 26.65 -16.09
N LEU C 2 -0.90 -11.01 5.02
CA LEU C 2 -2.27 -11.32 4.50
C LEU C 2 -2.75 -12.72 4.94
N ALA C 3 -1.81 -13.57 5.35
CA ALA C 3 -2.16 -14.82 6.02
C ALA C 3 -2.92 -14.48 7.29
N GLY C 4 -2.33 -13.60 8.10
CA GLY C 4 -2.97 -13.06 9.30
C GLY C 4 -4.29 -12.38 9.01
N VAL C 5 -4.35 -11.58 7.93
CA VAL C 5 -5.55 -10.80 7.55
C VAL C 5 -6.74 -11.69 7.14
N LYS C 6 -6.53 -12.60 6.18
CA LYS C 6 -7.57 -13.54 5.76
C LYS C 6 -8.01 -14.40 6.96
N LYS C 7 -7.07 -14.69 7.83
CA LYS C 7 -7.33 -15.36 9.09
C LYS C 7 -8.17 -14.48 10.02
N ASP C 8 -7.78 -13.21 10.17
CA ASP C 8 -8.48 -12.25 11.04
C ASP C 8 -9.93 -12.09 10.62
N ILE C 9 -10.14 -11.91 9.31
CA ILE C 9 -11.47 -11.90 8.73
C ILE C 9 -12.25 -13.15 9.14
N GLU C 10 -11.65 -14.34 9.04
CA GLU C 10 -12.35 -15.56 9.45
C GLU C 10 -12.72 -15.58 10.94
N LYS C 11 -11.78 -15.14 11.80
CA LYS C 11 -12.05 -15.04 13.25
C LYS C 11 -13.23 -14.10 13.52
N LEU C 12 -13.35 -13.06 12.70
CA LEU C 12 -14.37 -12.05 12.90
C LEU C 12 -15.75 -12.63 12.59
N TYR C 13 -15.86 -13.28 11.44
CA TYR C 13 -17.07 -14.02 11.07
C TYR C 13 -17.49 -15.01 12.17
N GLU C 14 -16.52 -15.77 12.70
CA GLU C 14 -16.78 -16.73 13.79
C GLU C 14 -17.18 -16.06 15.08
N ALA C 15 -16.49 -14.98 15.43
CA ALA C 15 -16.77 -14.25 16.66
C ALA C 15 -18.20 -13.69 16.69
N VAL C 16 -18.67 -13.21 15.54
CA VAL C 16 -19.99 -12.58 15.39
C VAL C 16 -20.63 -13.11 14.11
N PRO C 17 -21.27 -14.30 14.17
CA PRO C 17 -21.78 -14.97 12.97
C PRO C 17 -22.92 -14.26 12.20
N GLN C 18 -23.70 -13.36 12.83
CA GLN C 18 -24.72 -12.58 12.08
C GLN C 18 -24.08 -11.79 10.93
N LEU C 19 -22.79 -11.49 11.05
CA LEU C 19 -22.09 -10.70 10.07
C LEU C 19 -22.07 -11.45 8.75
N SER C 20 -22.03 -12.78 8.83
CA SER C 20 -22.12 -13.69 7.67
C SER C 20 -23.31 -13.41 6.77
N ASN C 21 -24.45 -13.10 7.38
CA ASN C 21 -25.69 -12.89 6.63
C ASN C 21 -25.81 -11.51 6.00
N VAL C 22 -24.81 -10.64 6.19
CA VAL C 22 -24.94 -9.22 5.81
C VAL C 22 -23.75 -8.69 5.01
N PHE C 23 -22.54 -9.12 5.38
CA PHE C 23 -21.35 -8.48 4.84
C PHE C 23 -20.42 -9.43 4.12
N LYS C 24 -19.92 -8.99 2.98
CA LYS C 24 -18.75 -9.57 2.34
C LYS C 24 -17.56 -8.76 2.85
N ILE C 25 -16.83 -9.32 3.79
CA ILE C 25 -15.72 -8.63 4.43
C ILE C 25 -14.46 -8.84 3.59
N GLU C 26 -13.86 -7.74 3.15
CA GLU C 26 -12.84 -7.78 2.11
C GLU C 26 -11.41 -7.62 2.58
N ASP C 27 -11.17 -6.65 3.47
CA ASP C 27 -9.82 -6.31 3.88
C ASP C 27 -9.79 -5.68 5.27
N LYS C 28 -8.60 -5.65 5.87
CA LYS C 28 -8.35 -4.94 7.12
C LYS C 28 -7.87 -3.54 6.72
N ILE C 29 -8.53 -2.50 7.24
CA ILE C 29 -8.18 -1.13 6.83
C ILE C 29 -7.68 -0.25 7.96
N GLY C 30 -7.42 -0.85 9.12
CA GLY C 30 -6.97 -0.08 10.26
C GLY C 30 -6.94 -0.98 11.47
N GLU C 31 -6.14 -0.58 12.47
CA GLU C 31 -5.95 -1.35 13.68
C GLU C 31 -5.23 -0.52 14.72
N GLY C 32 -5.91 -0.25 15.83
CA GLY C 32 -5.32 0.39 16.99
C GLY C 32 -5.24 -0.63 18.12
N THR C 33 -4.99 -0.15 19.33
CA THR C 33 -4.97 -1.03 20.51
C THR C 33 -6.38 -1.31 20.98
N PHE C 34 -7.31 -0.41 20.67
CA PHE C 34 -8.72 -0.56 21.05
C PHE C 34 -9.59 -1.33 20.04
N SER C 35 -9.14 -1.42 18.79
CA SER C 35 -10.00 -1.99 17.75
C SER C 35 -9.26 -2.41 16.48
N SER C 36 -10.00 -3.10 15.60
CA SER C 36 -9.56 -3.40 14.25
C SER C 36 -10.69 -2.99 13.33
N VAL C 37 -10.36 -2.53 12.13
CA VAL C 37 -11.37 -1.96 11.24
C VAL C 37 -11.31 -2.61 9.88
N TYR C 38 -12.43 -3.17 9.43
CA TYR C 38 -12.47 -3.93 8.19
C TYR C 38 -13.33 -3.24 7.17
N LEU C 39 -12.92 -3.35 5.91
CA LEU C 39 -13.71 -2.88 4.78
C LEU C 39 -14.63 -4.02 4.32
N ALA C 40 -15.91 -3.72 4.20
CA ALA C 40 -16.94 -4.70 3.81
C ALA C 40 -17.88 -4.16 2.74
N THR C 41 -18.69 -5.07 2.19
CA THR C 41 -19.71 -4.73 1.21
C THR C 41 -21.04 -5.26 1.72
N ALA C 42 -22.08 -4.46 1.58
CA ALA C 42 -23.40 -4.86 1.97
C ALA C 42 -24.39 -4.43 0.92
N GLN C 43 -25.56 -5.04 0.96
CA GLN C 43 -26.61 -4.74 0.01
C GLN C 43 -27.62 -3.91 0.78
N LEU C 44 -27.95 -2.71 0.29
CA LEU C 44 -28.98 -1.92 0.94
C LEU C 44 -30.36 -2.40 0.49
N GLN C 45 -31.31 -2.39 1.40
CA GLN C 45 -32.68 -2.73 1.04
C GLN C 45 -33.18 -1.78 -0.02
N VAL C 46 -32.71 -0.54 0.00
CA VAL C 46 -33.12 0.47 -0.98
C VAL C 46 -32.61 0.20 -2.40
N GLY C 47 -31.61 -0.67 -2.53
CA GLY C 47 -31.18 -1.10 -3.86
C GLY C 47 -29.68 -1.13 -4.10
N PRO C 48 -28.98 -0.02 -3.78
CA PRO C 48 -27.53 -0.03 -4.03
C PRO C 48 -26.74 -0.92 -3.07
N GLU C 49 -25.60 -1.41 -3.55
CA GLU C 49 -24.57 -1.91 -2.66
C GLU C 49 -23.94 -0.75 -1.91
N GLU C 50 -23.31 -1.03 -0.77
CA GLU C 50 -22.62 0.03 -0.04
C GLU C 50 -21.34 -0.49 0.59
N LYS C 51 -20.28 0.29 0.45
CA LYS C 51 -19.03 0.00 1.11
C LYS C 51 -19.17 0.45 2.55
N ILE C 52 -18.79 -0.43 3.45
CA ILE C 52 -19.01 -0.30 4.89
C ILE C 52 -17.72 -0.57 5.63
N ALA C 53 -17.44 0.28 6.63
CA ALA C 53 -16.34 0.03 7.55
C ALA C 53 -16.92 -0.64 8.80
N LEU C 54 -16.30 -1.75 9.18
CA LEU C 54 -16.73 -2.51 10.35
C LEU C 54 -15.68 -2.41 11.45
N LYS C 55 -16.07 -1.83 12.58
CA LYS C 55 -15.11 -1.56 13.61
C LYS C 55 -15.34 -2.57 14.71
N HIS C 56 -14.41 -3.49 14.81
CA HIS C 56 -14.46 -4.54 15.80
C HIS C 56 -13.70 -4.05 17.00
N LEU C 57 -14.41 -3.93 18.10
CA LEU C 57 -13.84 -3.40 19.34
C LEU C 57 -13.22 -4.53 20.16
N ILE C 58 -11.99 -4.31 20.62
CA ILE C 58 -11.30 -5.29 21.45
C ILE C 58 -12.23 -5.75 22.60
N PRO C 59 -12.41 -7.08 22.76
CA PRO C 59 -13.46 -7.61 23.64
C PRO C 59 -13.21 -7.37 25.12
N THR C 60 -12.04 -6.79 25.43
CA THR C 60 -11.65 -6.37 26.79
C THR C 60 -12.21 -5.01 27.20
N SER C 61 -12.74 -4.25 26.23
CA SER C 61 -13.37 -2.95 26.49
C SER C 61 -14.65 -3.12 27.30
N HIS C 62 -14.90 -2.19 28.21
CA HIS C 62 -16.12 -2.22 29.00
C HIS C 62 -17.36 -1.84 28.21
N PRO C 63 -18.50 -2.51 28.47
CA PRO C 63 -19.79 -2.22 27.86
C PRO C 63 -20.18 -0.73 27.85
N ILE C 64 -20.03 -0.06 29.00
CA ILE C 64 -20.33 1.37 29.11
C ILE C 64 -19.54 2.20 28.09
N ARG C 65 -18.25 1.91 27.98
CA ARG C 65 -17.38 2.53 27.00
C ARG C 65 -17.84 2.26 25.53
N ILE C 66 -18.06 0.99 25.17
CA ILE C 66 -18.59 0.63 23.85
C ILE C 66 -19.86 1.42 23.55
N ALA C 67 -20.79 1.40 24.50
CA ALA C 67 -22.06 2.09 24.36
C ALA C 67 -21.89 3.61 24.27
N ALA C 68 -20.87 4.14 24.93
CA ALA C 68 -20.68 5.57 24.90
C ALA C 68 -20.17 6.02 23.52
N GLU C 69 -19.18 5.31 22.99
CA GLU C 69 -18.73 5.54 21.62
C GLU C 69 -19.91 5.41 20.62
N LEU C 70 -20.72 4.36 20.77
CA LEU C 70 -21.86 4.15 19.89
C LEU C 70 -22.89 5.29 19.96
N GLN C 71 -23.27 5.69 21.17
CA GLN C 71 -24.21 6.81 21.36
C GLN C 71 -23.68 8.16 20.84
N CYS C 72 -22.36 8.35 20.85
CA CYS C 72 -21.78 9.56 20.26
C CYS C 72 -22.06 9.57 18.75
N LEU C 73 -21.67 8.49 18.05
CA LEU C 73 -21.96 8.37 16.62
C LEU C 73 -23.45 8.48 16.34
N THR C 74 -24.26 7.93 17.25
CA THR C 74 -25.71 7.87 17.08
C THR C 74 -26.34 9.26 17.20
N VAL C 75 -25.94 9.99 18.23
CA VAL C 75 -26.56 11.26 18.55
C VAL C 75 -25.91 12.42 17.79
N ALA C 76 -24.57 12.48 17.79
CA ALA C 76 -23.90 13.67 17.25
C ALA C 76 -23.50 13.52 15.80
N GLY C 77 -23.27 12.29 15.38
CA GLY C 77 -22.72 11.97 14.07
C GLY C 77 -23.75 11.86 12.96
N GLY C 78 -23.27 11.72 11.73
CA GLY C 78 -24.14 11.65 10.57
C GLY C 78 -24.24 12.99 9.90
N GLN C 79 -23.54 13.97 10.46
CA GLN C 79 -23.70 15.34 10.02
C GLN C 79 -22.46 16.18 10.39
N ASP C 80 -22.25 17.28 9.68
CA ASP C 80 -21.20 18.27 9.96
C ASP C 80 -19.82 17.66 10.08
N ASN C 81 -19.53 16.69 9.23
CA ASN C 81 -18.22 16.05 9.20
C ASN C 81 -17.99 15.20 10.40
N VAL C 82 -19.07 14.83 11.07
CA VAL C 82 -18.95 13.87 12.13
C VAL C 82 -19.51 12.56 11.59
N MET C 83 -18.70 11.50 11.69
CA MET C 83 -19.09 10.18 11.25
C MET C 83 -20.34 9.68 11.99
N GLY C 84 -21.25 9.07 11.24
CA GLY C 84 -22.43 8.45 11.81
C GLY C 84 -22.29 6.94 11.81
N VAL C 85 -23.35 6.27 12.26
CA VAL C 85 -23.35 4.82 12.39
C VAL C 85 -24.60 4.30 11.69
N LYS C 86 -24.47 3.18 10.96
CA LYS C 86 -25.61 2.56 10.27
C LYS C 86 -26.27 1.54 11.18
N TYR C 87 -25.47 0.59 11.65
CA TYR C 87 -25.93 -0.45 12.58
C TYR C 87 -24.79 -0.95 13.48
N CYS C 88 -25.16 -1.77 14.46
CA CYS C 88 -24.21 -2.39 15.40
C CYS C 88 -24.61 -3.82 15.76
N PHE C 89 -23.64 -4.72 15.70
CA PHE C 89 -23.84 -6.16 15.91
C PHE C 89 -22.99 -6.63 17.06
N ARG C 90 -23.58 -7.50 17.88
CA ARG C 90 -22.90 -8.01 19.05
C ARG C 90 -23.13 -9.52 19.20
N LYS C 91 -22.08 -10.25 19.51
CA LYS C 91 -22.23 -11.56 20.14
C LYS C 91 -21.39 -11.59 21.40
N ASN C 92 -22.07 -11.68 22.53
CA ASN C 92 -21.43 -11.67 23.85
C ASN C 92 -20.55 -10.44 24.08
N ASP C 93 -19.23 -10.65 24.06
CA ASP C 93 -18.24 -9.60 24.24
C ASP C 93 -17.65 -9.06 22.92
N HIS C 94 -18.20 -9.52 21.80
CA HIS C 94 -17.74 -9.04 20.51
C HIS C 94 -18.70 -8.07 19.86
N VAL C 95 -18.36 -6.78 19.90
CA VAL C 95 -19.19 -5.75 19.33
C VAL C 95 -18.54 -5.18 18.07
N VAL C 96 -19.35 -5.00 17.03
CA VAL C 96 -18.91 -4.50 15.74
C VAL C 96 -19.84 -3.35 15.33
N ILE C 97 -19.25 -2.17 15.13
CA ILE C 97 -19.97 -0.98 14.69
C ILE C 97 -19.87 -0.83 13.16
N ALA C 98 -21.02 -0.77 12.49
CA ALA C 98 -21.03 -0.64 11.02
C ALA C 98 -21.24 0.81 10.67
N MET C 99 -20.22 1.37 10.01
CA MET C 99 -20.25 2.76 9.56
C MET C 99 -20.13 2.83 8.07
N PRO C 100 -20.61 3.94 7.48
CA PRO C 100 -20.33 4.21 6.08
C PRO C 100 -18.83 4.37 5.84
N TYR C 101 -18.33 3.68 4.82
CA TYR C 101 -16.92 3.74 4.50
C TYR C 101 -16.54 5.04 3.80
N LEU C 102 -15.59 5.79 4.36
CA LEU C 102 -14.98 6.92 3.67
C LEU C 102 -13.52 6.61 3.30
N GLU C 103 -13.30 6.42 2.01
CA GLU C 103 -11.96 6.27 1.46
C GLU C 103 -11.19 7.59 1.69
N HIS C 104 -9.95 7.48 2.14
CA HIS C 104 -9.20 8.64 2.60
C HIS C 104 -7.73 8.53 2.40
N GLU C 105 -7.06 9.67 2.26
CA GLU C 105 -5.61 9.71 2.11
C GLU C 105 -4.94 9.51 3.44
N SER C 106 -3.66 9.19 3.41
CA SER C 106 -2.86 9.26 4.62
C SER C 106 -2.34 10.69 4.72
N PHE C 107 -2.33 11.21 5.94
CA PHE C 107 -1.95 12.58 6.21
C PHE C 107 -0.53 12.85 5.73
N LEU C 108 0.38 11.95 6.08
CA LEU C 108 1.78 12.04 5.70
C LEU C 108 1.99 12.07 4.20
N ASP C 109 1.19 11.33 3.44
CA ASP C 109 1.25 11.41 1.97
C ASP C 109 0.88 12.77 1.44
N ILE C 110 -0.28 13.30 1.84
CA ILE C 110 -0.76 14.57 1.28
C ILE C 110 -0.16 15.82 1.94
N LEU C 111 0.73 15.62 2.90
CA LEU C 111 1.16 16.71 3.75
C LEU C 111 1.93 17.78 2.96
N ASN C 112 3.02 17.38 2.34
CA ASN C 112 3.86 18.31 1.62
C ASN C 112 3.37 18.48 0.18
N SER C 113 2.08 18.26 -0.03
CA SER C 113 1.51 18.37 -1.37
C SER C 113 0.19 19.17 -1.44
N LEU C 114 -0.44 19.42 -0.29
CA LEU C 114 -1.63 20.26 -0.26
C LEU C 114 -1.30 21.70 -0.59
N SER C 115 -2.16 22.32 -1.38
CA SER C 115 -2.02 23.72 -1.65
C SER C 115 -2.47 24.45 -0.37
N PHE C 116 -2.15 25.74 -0.28
CA PHE C 116 -2.56 26.48 0.88
C PHE C 116 -4.09 26.49 1.05
N GLN C 117 -4.80 26.66 -0.07
CA GLN C 117 -6.25 26.74 -0.06
C GLN C 117 -6.88 25.43 0.41
N GLU C 118 -6.19 24.31 0.18
CA GLU C 118 -6.65 23.02 0.68
C GLU C 118 -6.44 22.95 2.19
N VAL C 119 -5.46 23.70 2.68
CA VAL C 119 -5.14 23.72 4.12
C VAL C 119 -6.27 24.51 4.83
N ARG C 120 -6.66 25.66 4.29
CA ARG C 120 -7.77 26.43 4.85
C ARG C 120 -9.04 25.60 4.92
N GLU C 121 -9.39 24.97 3.81
CA GLU C 121 -10.57 24.09 3.75
C GLU C 121 -10.47 22.94 4.74
N TYR C 122 -9.30 22.32 4.82
CA TYR C 122 -9.12 21.26 5.78
C TYR C 122 -9.45 21.75 7.19
N MET C 123 -8.93 22.93 7.60
CA MET C 123 -9.14 23.39 8.96
C MET C 123 -10.59 23.87 9.18
N LEU C 124 -11.18 24.48 8.16
CA LEU C 124 -12.57 24.92 8.26
C LEU C 124 -13.45 23.70 8.58
N ASN C 125 -13.23 22.63 7.83
CA ASN C 125 -14.00 21.41 8.00
C ASN C 125 -13.72 20.66 9.30
N LEU C 126 -12.50 20.72 9.80
CA LEU C 126 -12.25 20.16 11.15
C LEU C 126 -13.07 20.95 12.17
N PHE C 127 -13.05 22.29 12.08
CA PHE C 127 -13.77 23.10 13.05
C PHE C 127 -15.28 22.86 13.00
N LYS C 128 -15.85 22.61 11.81
CA LYS C 128 -17.28 22.17 11.74
C LYS C 128 -17.51 20.90 12.53
N ALA C 129 -16.66 19.89 12.35
CA ALA C 129 -16.81 18.66 13.16
C ALA C 129 -16.71 18.96 14.66
N LEU C 130 -15.74 19.78 15.07
CA LEU C 130 -15.52 20.06 16.48
C LEU C 130 -16.65 20.91 17.08
N LYS C 131 -17.16 21.86 16.33
CA LYS C 131 -18.31 22.67 16.77
C LYS C 131 -19.51 21.78 17.04
N ARG C 132 -19.79 20.90 16.10
CA ARG C 132 -20.86 19.92 16.25
C ARG C 132 -20.72 19.07 17.53
N ILE C 133 -19.61 18.36 17.72
CA ILE C 133 -19.46 17.55 18.95
C ILE C 133 -19.47 18.37 20.24
N HIS C 134 -18.86 19.55 20.23
CA HIS C 134 -18.83 20.35 21.43
C HIS C 134 -20.20 20.83 21.84
N GLN C 135 -21.09 21.05 20.87
CA GLN C 135 -22.48 21.38 21.17
C GLN C 135 -23.20 20.31 21.98
N PHE C 136 -22.72 19.07 21.89
CA PHE C 136 -23.32 17.95 22.63
C PHE C 136 -22.55 17.69 23.91
N GLY C 137 -21.57 18.56 24.18
CA GLY C 137 -20.74 18.41 25.35
C GLY C 137 -19.91 17.15 25.25
N ILE C 138 -19.42 16.85 24.05
CA ILE C 138 -18.50 15.72 23.86
C ILE C 138 -17.09 16.27 23.82
N VAL C 139 -16.23 15.74 24.67
CA VAL C 139 -14.80 16.02 24.57
C VAL C 139 -14.17 14.79 23.92
N HIS C 140 -13.66 14.96 22.69
CA HIS C 140 -13.16 13.84 21.91
C HIS C 140 -11.93 13.19 22.54
N ARG C 141 -10.92 14.01 22.82
CA ARG C 141 -9.73 13.62 23.61
C ARG C 141 -8.69 12.91 22.78
N ASP C 142 -8.96 12.73 21.49
CA ASP C 142 -8.04 11.98 20.64
C ASP C 142 -8.03 12.58 19.25
N VAL C 143 -8.26 13.88 19.18
CA VAL C 143 -8.19 14.59 17.91
C VAL C 143 -6.77 14.57 17.34
N LYS C 144 -6.65 14.03 16.12
CA LYS C 144 -5.36 13.91 15.44
C LYS C 144 -5.62 13.39 14.02
N PRO C 145 -4.65 13.57 13.09
CA PRO C 145 -5.01 13.20 11.70
C PRO C 145 -5.58 11.79 11.46
N SER C 146 -5.18 10.79 12.24
CA SER C 146 -5.73 9.42 12.01
C SER C 146 -7.21 9.25 12.45
N ASN C 147 -7.74 10.23 13.18
CA ASN C 147 -9.15 10.24 13.55
C ASN C 147 -9.94 11.29 12.80
N PHE C 148 -9.32 11.90 11.81
CA PHE C 148 -9.98 12.88 10.96
C PHE C 148 -9.76 12.49 9.51
N LEU C 149 -10.74 11.80 8.95
CA LEU C 149 -10.63 11.18 7.64
C LEU C 149 -10.88 12.20 6.55
N TYR C 150 -10.01 12.21 5.56
CA TYR C 150 -9.98 13.24 4.54
C TYR C 150 -9.85 12.63 3.16
N ASN C 151 -10.89 12.84 2.37
CA ASN C 151 -10.89 12.42 0.99
C ASN C 151 -10.64 13.65 0.14
N ARG C 152 -9.40 13.74 -0.34
CA ARG C 152 -8.94 14.83 -1.18
C ARG C 152 -9.77 15.03 -2.44
N ARG C 153 -9.99 13.94 -3.18
CA ARG C 153 -10.70 13.98 -4.46
C ARG C 153 -12.10 14.55 -4.28
N LEU C 154 -12.88 13.95 -3.37
CA LEU C 154 -14.28 14.29 -3.18
C LEU C 154 -14.48 15.46 -2.25
N LYS C 155 -13.42 15.89 -1.56
CA LYS C 155 -13.51 16.97 -0.57
C LYS C 155 -14.52 16.62 0.52
N LYS C 156 -14.37 15.41 1.06
CA LYS C 156 -15.22 14.91 2.14
C LYS C 156 -14.38 14.70 3.38
N TYR C 157 -15.01 14.88 4.54
CA TYR C 157 -14.32 14.84 5.84
C TYR C 157 -15.15 14.12 6.88
N ALA C 158 -14.50 13.40 7.78
CA ALA C 158 -15.23 12.74 8.86
C ALA C 158 -14.35 12.57 10.08
N LEU C 159 -14.79 13.19 11.18
CA LEU C 159 -14.23 12.92 12.49
C LEU C 159 -14.74 11.58 13.01
N VAL C 160 -13.82 10.65 13.27
CA VAL C 160 -14.17 9.34 13.82
C VAL C 160 -13.53 9.09 15.20
N ASP C 161 -13.78 7.89 15.74
CA ASP C 161 -13.08 7.33 16.91
C ASP C 161 -13.41 8.07 18.20
N PHE C 162 -14.56 7.71 18.78
CA PHE C 162 -15.06 8.29 20.01
C PHE C 162 -14.72 7.35 21.19
N GLY C 163 -13.64 6.57 21.00
CA GLY C 163 -13.23 5.56 21.96
C GLY C 163 -12.76 6.11 23.30
N LEU C 164 -12.21 7.33 23.27
CA LEU C 164 -11.61 7.91 24.47
C LEU C 164 -12.40 9.10 24.94
N ALA C 165 -13.59 9.30 24.36
CA ALA C 165 -14.40 10.50 24.61
C ALA C 165 -14.86 10.64 26.06
N GLN C 166 -15.05 11.89 26.48
CA GLN C 166 -15.68 12.21 27.77
C GLN C 166 -16.74 13.30 27.61
N GLY C 167 -17.60 13.44 28.61
CA GLY C 167 -18.63 14.45 28.57
C GLY C 167 -18.14 15.70 29.25
N THR C 168 -18.65 16.86 28.84
CA THR C 168 -18.49 18.06 29.64
C THR C 168 -19.33 17.92 30.91
N HIS C 169 -19.12 18.84 31.86
CA HIS C 169 -19.85 18.92 33.13
C HIS C 169 -21.35 18.75 32.96
N ASP C 170 -21.84 18.96 31.74
CA ASP C 170 -23.27 18.97 31.43
C ASP C 170 -23.55 18.42 30.03
N THR C 171 -22.88 17.33 29.70
CA THR C 171 -23.02 16.70 28.39
C THR C 171 -24.46 16.30 28.08
N LYS C 172 -24.81 16.35 26.79
CA LYS C 172 -26.12 15.87 26.35
C LYS C 172 -26.05 14.42 25.86
N ILE C 173 -24.97 13.73 26.23
CA ILE C 173 -24.81 12.32 25.92
C ILE C 173 -24.84 11.55 27.24
N GLU C 174 -26.06 11.15 27.60
CA GLU C 174 -26.38 10.40 28.81
C GLU C 174 -25.29 9.46 29.32
N LEU C 175 -24.73 8.64 28.44
CA LEU C 175 -23.77 7.61 28.86
C LEU C 175 -22.36 8.14 29.08
N LEU C 176 -22.08 9.37 28.66
CA LEU C 176 -20.77 9.95 28.94
C LEU C 176 -20.61 10.29 30.42
N LYS C 177 -21.72 10.69 31.05
CA LYS C 177 -21.77 10.93 32.50
C LYS C 177 -21.15 9.78 33.28
N PHE C 178 -21.61 8.56 32.98
CA PHE C 178 -21.18 7.37 33.73
C PHE C 178 -19.82 6.81 33.27
N VAL C 179 -18.98 7.66 32.68
CA VAL C 179 -17.61 7.27 32.25
C VAL C 179 -16.54 7.98 33.08
N GLN C 180 -15.40 7.31 33.29
CA GLN C 180 -14.40 7.77 34.26
C GLN C 180 -13.36 8.71 33.65
N SER C 181 -13.00 9.75 34.41
CA SER C 181 -11.97 10.72 33.99
C SER C 181 -10.59 10.10 33.98
N GLU C 182 -9.74 10.58 33.07
CA GLU C 182 -8.34 10.15 33.03
C GLU C 182 -7.58 10.67 34.25
N ALA C 183 -7.86 11.91 34.61
CA ALA C 183 -7.22 12.55 35.75
C ALA C 183 -7.67 11.95 37.09
N GLN C 184 -8.95 11.55 37.18
CA GLN C 184 -9.51 10.98 38.42
C GLN C 184 -9.07 9.53 38.64
N GLN C 185 -9.53 8.63 37.76
CA GLN C 185 -9.13 7.23 37.82
C GLN C 185 -8.49 6.79 36.52
N ARG C 206 -4.85 2.92 27.30
CA ARG C 206 -5.02 3.82 28.45
C ARG C 206 -5.54 5.20 28.01
N ALA C 207 -4.68 5.99 27.37
CA ALA C 207 -4.99 7.38 27.03
C ALA C 207 -4.54 7.73 25.60
N GLY C 208 -4.50 9.01 25.26
CA GLY C 208 -4.23 9.48 23.89
C GLY C 208 -2.76 9.51 23.50
N THR C 209 -2.47 10.15 22.37
CA THR C 209 -1.10 10.37 21.87
C THR C 209 -0.52 11.62 22.54
N PRO C 210 0.60 11.47 23.28
CA PRO C 210 1.26 12.61 23.97
C PRO C 210 1.36 13.88 23.09
N GLY C 211 1.85 13.72 21.87
CA GLY C 211 2.01 14.82 20.92
C GLY C 211 0.80 15.66 20.52
N PHE C 212 -0.41 15.21 20.85
CA PHE C 212 -1.62 15.97 20.55
C PHE C 212 -2.37 16.36 21.83
N ARG C 213 -1.75 16.13 22.98
CA ARG C 213 -2.41 16.42 24.25
C ARG C 213 -2.11 17.86 24.76
N ALA C 214 -3.13 18.53 25.29
CA ALA C 214 -3.03 19.93 25.73
C ALA C 214 -2.20 19.98 27.02
N PRO C 215 -1.58 21.14 27.35
CA PRO C 215 -0.84 21.33 28.62
C PRO C 215 -1.62 20.93 29.86
N GLU C 216 -2.90 21.28 29.94
CA GLU C 216 -3.73 20.89 31.09
C GLU C 216 -3.94 19.36 31.17
N VAL C 217 -3.83 18.67 30.03
CA VAL C 217 -3.89 17.21 30.00
C VAL C 217 -2.54 16.59 30.41
N LEU C 218 -1.45 17.10 29.84
CA LEU C 218 -0.13 16.59 30.16
C LEU C 218 0.17 16.76 31.65
N THR C 219 -0.45 17.76 32.29
CA THR C 219 -0.16 17.99 33.71
C THR C 219 -1.20 17.40 34.66
N LYS C 220 -2.13 16.62 34.12
CA LYS C 220 -3.17 15.95 34.91
C LYS C 220 -4.11 16.90 35.63
N CYS C 221 -4.48 18.00 34.99
CA CYS C 221 -5.51 18.84 35.57
C CYS C 221 -6.80 18.03 35.61
N PRO C 222 -7.47 18.04 36.77
CA PRO C 222 -8.71 17.27 36.95
C PRO C 222 -9.81 17.78 36.03
N ASN C 223 -9.83 19.07 35.77
CA ASN C 223 -10.86 19.68 34.95
C ASN C 223 -10.38 19.81 33.51
N GLN C 224 -10.95 19.01 32.62
CA GLN C 224 -10.53 19.00 31.23
C GLN C 224 -11.72 19.21 30.31
N THR C 225 -11.71 20.32 29.60
CA THR C 225 -12.87 20.81 28.87
C THR C 225 -12.72 20.62 27.35
N THR C 226 -13.68 21.15 26.58
CA THR C 226 -13.63 21.03 25.12
C THR C 226 -12.44 21.79 24.51
N ALA C 227 -11.84 22.70 25.27
CA ALA C 227 -10.63 23.41 24.82
C ALA C 227 -9.49 22.44 24.57
N ILE C 228 -9.52 21.29 25.23
CA ILE C 228 -8.44 20.34 24.97
C ILE C 228 -8.43 19.87 23.49
N ASP C 229 -9.60 19.90 22.84
CA ASP C 229 -9.72 19.45 21.45
C ASP C 229 -9.20 20.53 20.49
N MET C 230 -9.43 21.78 20.89
CA MET C 230 -8.97 22.95 20.14
C MET C 230 -7.45 23.01 20.10
N TRP C 231 -6.81 22.66 21.21
CA TRP C 231 -5.37 22.51 21.23
C TRP C 231 -4.90 21.50 20.19
N SER C 232 -5.55 20.34 20.14
CA SER C 232 -5.20 19.28 19.17
C SER C 232 -5.33 19.77 17.73
N ALA C 233 -6.43 20.49 17.45
CA ALA C 233 -6.65 21.06 16.13
C ALA C 233 -5.49 21.99 15.79
N GLY C 234 -4.99 22.70 16.81
CA GLY C 234 -3.83 23.58 16.63
C GLY C 234 -2.57 22.84 16.26
N VAL C 235 -2.34 21.70 16.92
CA VAL C 235 -1.20 20.83 16.58
C VAL C 235 -1.32 20.33 15.13
N ILE C 236 -2.52 19.91 14.72
CA ILE C 236 -2.71 19.55 13.32
C ILE C 236 -2.36 20.74 12.41
N PHE C 237 -2.85 21.92 12.75
CA PHE C 237 -2.57 23.12 11.96
C PHE C 237 -1.06 23.39 11.90
N LEU C 238 -0.38 23.21 13.05
CA LEU C 238 1.05 23.45 13.11
C LEU C 238 1.77 22.52 12.12
N SER C 239 1.34 21.27 12.05
CA SER C 239 1.88 20.31 11.09
C SER C 239 1.60 20.73 9.64
N LEU C 240 0.36 21.15 9.37
CA LEU C 240 0.01 21.65 8.06
C LEU C 240 0.85 22.88 7.65
N LEU C 241 1.15 23.77 8.60
CA LEU C 241 1.88 24.99 8.24
C LEU C 241 3.38 24.81 8.15
N SER C 242 3.92 23.89 8.94
CA SER C 242 5.36 23.66 8.99
C SER C 242 5.81 22.53 8.08
N GLY C 243 4.86 21.72 7.61
CA GLY C 243 5.14 20.50 6.87
C GLY C 243 5.81 19.37 7.63
N ARG C 244 5.75 19.40 8.97
CA ARG C 244 6.33 18.33 9.79
C ARG C 244 5.27 17.55 10.54
N TYR C 245 5.32 16.22 10.38
CA TYR C 245 4.41 15.31 11.04
C TYR C 245 5.15 14.00 11.31
N PRO C 246 5.13 13.51 12.57
CA PRO C 246 4.50 14.22 13.69
C PRO C 246 5.37 15.40 14.12
N PHE C 247 4.77 16.46 14.64
CA PHE C 247 5.53 17.62 15.05
C PHE C 247 6.17 17.35 16.42
N TYR C 248 5.34 17.09 17.42
CA TYR C 248 5.85 16.70 18.73
C TYR C 248 6.05 15.20 18.82
N LYS C 249 7.29 14.76 18.66
CA LYS C 249 7.60 13.34 18.71
C LYS C 249 7.94 12.93 20.15
N ALA C 250 6.96 12.40 20.88
CA ALA C 250 7.13 12.10 22.32
C ALA C 250 6.44 10.81 22.80
N SER C 251 7.18 9.91 23.43
CA SER C 251 6.57 8.69 23.96
C SER C 251 5.88 8.87 25.32
N ASP C 252 6.12 9.99 26.00
CA ASP C 252 5.48 10.26 27.30
C ASP C 252 5.03 11.72 27.45
N ASP C 253 4.17 11.97 28.44
CA ASP C 253 3.50 13.24 28.58
C ASP C 253 4.43 14.42 28.87
N LEU C 254 5.43 14.23 29.74
CA LEU C 254 6.32 15.34 30.10
C LEU C 254 7.35 15.67 29.02
N THR C 255 7.75 14.67 28.23
CA THR C 255 8.54 14.99 27.03
C THR C 255 7.77 15.90 26.06
N ALA C 256 6.52 15.55 25.77
CA ALA C 256 5.66 16.43 24.98
C ALA C 256 5.62 17.83 25.61
N LEU C 257 5.55 17.90 26.94
CA LEU C 257 5.42 19.16 27.63
C LEU C 257 6.69 19.98 27.49
N ALA C 258 7.83 19.30 27.57
CA ALA C 258 9.12 19.94 27.39
C ALA C 258 9.26 20.51 25.98
N GLN C 259 8.88 19.70 24.99
CA GLN C 259 8.85 20.12 23.59
C GLN C 259 7.87 21.31 23.38
N ILE C 260 6.67 21.23 23.95
CA ILE C 260 5.73 22.36 23.84
C ILE C 260 6.34 23.65 24.40
N MET C 261 7.02 23.54 25.54
CA MET C 261 7.63 24.70 26.17
C MET C 261 8.70 25.30 25.28
N THR C 262 9.37 24.45 24.49
CA THR C 262 10.40 24.92 23.59
C THR C 262 9.81 25.73 22.44
N ILE C 263 8.54 25.51 22.14
CA ILE C 263 7.88 26.19 21.03
C ILE C 263 7.10 27.42 21.52
N ARG C 264 6.41 27.27 22.65
CA ARG C 264 5.52 28.30 23.20
C ARG C 264 6.09 29.04 24.41
N GLY C 265 7.25 28.61 24.90
CA GLY C 265 7.94 29.29 26.00
C GLY C 265 7.61 28.74 27.40
N SER C 266 8.65 28.59 28.20
CA SER C 266 8.52 28.03 29.55
C SER C 266 7.79 28.94 30.51
N ARG C 267 8.15 30.22 30.50
CA ARG C 267 7.51 31.17 31.39
C ARG C 267 6.04 31.30 31.10
N GLU C 268 5.70 31.30 29.82
CA GLU C 268 4.29 31.35 29.37
C GLU C 268 3.52 30.10 29.79
N THR C 269 4.21 28.95 29.76
CA THR C 269 3.57 27.66 30.13
C THR C 269 3.38 27.59 31.65
N ILE C 270 4.41 28.03 32.37
CA ILE C 270 4.35 28.11 33.83
C ILE C 270 3.22 29.04 34.30
N GLN C 271 3.10 30.22 33.70
CA GLN C 271 2.04 31.17 34.07
C GLN C 271 0.64 30.60 33.80
N ALA C 272 0.40 30.12 32.57
CA ALA C 272 -0.86 29.45 32.20
C ALA C 272 -1.25 28.31 33.16
N ALA C 273 -0.28 27.44 33.50
CA ALA C 273 -0.53 26.30 34.38
C ALA C 273 -0.94 26.72 35.79
N LYS C 274 -0.32 27.79 36.29
CA LYS C 274 -0.69 28.38 37.57
C LYS C 274 -2.19 28.65 37.63
N THR C 275 -2.76 29.20 36.55
CA THR C 275 -4.20 29.48 36.50
C THR C 275 -5.08 28.24 36.58
N PHE C 276 -4.53 27.07 36.27
CA PHE C 276 -5.35 25.87 36.40
C PHE C 276 -4.81 24.93 37.47
N GLY C 277 -4.13 25.48 38.46
CA GLY C 277 -3.81 24.73 39.68
C GLY C 277 -2.52 23.93 39.64
N LYS C 278 -1.67 24.18 38.66
CA LYS C 278 -0.46 23.37 38.52
C LYS C 278 0.80 24.19 38.57
N SER C 279 1.80 23.68 39.27
CA SER C 279 3.09 24.33 39.36
C SER C 279 4.09 23.53 38.55
N ILE C 280 4.58 24.14 37.47
CA ILE C 280 5.64 23.57 36.67
C ILE C 280 6.94 24.22 37.06
N LEU C 281 7.93 23.39 37.37
CA LEU C 281 9.30 23.87 37.57
C LEU C 281 10.13 23.37 36.42
N CYS C 282 10.78 24.30 35.74
CA CYS C 282 11.55 23.97 34.57
C CYS C 282 12.93 24.56 34.77
N SER C 283 13.95 23.70 34.83
CA SER C 283 15.30 24.14 35.14
C SER C 283 15.90 25.04 34.05
N LYS C 284 15.65 24.70 32.79
CA LYS C 284 16.08 25.54 31.69
C LYS C 284 14.93 26.41 31.16
N GLU C 285 15.11 27.71 31.29
CA GLU C 285 14.23 28.69 30.71
C GLU C 285 14.40 28.74 29.19
N VAL C 286 13.30 28.73 28.46
CA VAL C 286 13.34 28.87 26.99
C VAL C 286 12.26 29.84 26.52
N PRO C 287 12.59 30.69 25.52
CA PRO C 287 11.67 31.73 25.02
C PRO C 287 10.62 31.17 24.06
N ALA C 288 9.49 31.85 23.92
CA ALA C 288 8.48 31.50 22.94
C ALA C 288 8.99 31.78 21.51
N GLN C 289 8.54 30.99 20.54
CA GLN C 289 9.00 31.20 19.18
C GLN C 289 7.99 32.00 18.39
N ASP C 290 8.46 32.88 17.50
CA ASP C 290 7.61 33.48 16.47
C ASP C 290 7.12 32.35 15.60
N LEU C 291 5.81 32.25 15.45
CA LEU C 291 5.24 31.09 14.73
C LEU C 291 5.53 31.13 13.23
N ARG C 292 5.41 32.31 12.62
CA ARG C 292 5.63 32.45 11.19
C ARG C 292 7.04 32.01 10.83
N LYS C 293 8.04 32.53 11.54
CA LYS C 293 9.44 32.19 11.25
C LYS C 293 9.68 30.71 11.44
N LEU C 294 9.17 30.17 12.56
CA LEU C 294 9.30 28.75 12.88
C LEU C 294 8.76 27.89 11.76
N CYS C 295 7.50 28.12 11.40
CA CYS C 295 6.83 27.38 10.31
C CYS C 295 7.52 27.51 8.95
N GLU C 296 7.92 28.74 8.62
CA GLU C 296 8.56 28.99 7.33
C GLU C 296 9.95 28.35 7.25
N ARG C 297 10.70 28.37 8.35
CA ARG C 297 11.99 27.71 8.39
C ARG C 297 11.87 26.19 8.29
N LEU C 298 10.88 25.63 8.99
CA LEU C 298 10.63 24.19 8.89
C LEU C 298 10.13 23.75 7.50
N ARG C 299 9.34 24.59 6.86
CA ARG C 299 8.71 24.24 5.57
C ARG C 299 9.64 24.25 4.34
N GLY C 321 -1.49 31.29 -1.94
CA GLY C 321 -0.49 30.23 -2.11
C GLY C 321 0.49 30.22 -0.96
N TRP C 322 1.38 29.22 -0.95
CA TRP C 322 2.35 29.03 0.14
C TRP C 322 3.35 30.13 0.29
N ASN C 323 3.36 31.04 -0.69
CA ASN C 323 4.31 32.13 -0.70
C ASN C 323 3.71 33.38 -0.11
N GLU C 324 2.39 33.41 -0.02
CA GLU C 324 1.70 34.58 0.51
C GLU C 324 0.85 34.21 1.73
N VAL C 325 1.39 33.39 2.62
CA VAL C 325 0.67 32.96 3.81
C VAL C 325 0.28 34.17 4.68
N PRO C 326 -1.02 34.43 4.85
CA PRO C 326 -1.40 35.65 5.55
C PRO C 326 -1.09 35.57 7.04
N ASP C 327 -0.88 36.72 7.68
CA ASP C 327 -0.74 36.85 9.14
C ASP C 327 -1.86 36.18 9.91
N GLU C 328 -3.03 36.11 9.28
CA GLU C 328 -4.24 35.54 9.87
C GLU C 328 -4.07 34.05 10.21
N ALA C 329 -3.28 33.34 9.41
CA ALA C 329 -3.01 31.94 9.65
C ALA C 329 -2.27 31.74 10.97
N TYR C 330 -1.18 32.49 11.15
CA TYR C 330 -0.36 32.42 12.35
C TYR C 330 -1.07 32.96 13.59
N ASP C 331 -1.96 33.94 13.40
CA ASP C 331 -2.80 34.42 14.50
C ASP C 331 -3.75 33.33 15.01
N LEU C 332 -4.48 32.69 14.10
CA LEU C 332 -5.35 31.58 14.50
C LEU C 332 -4.55 30.45 15.17
N LEU C 333 -3.41 30.12 14.58
CA LEU C 333 -2.57 29.10 15.19
C LEU C 333 -2.24 29.47 16.63
N ASP C 334 -1.84 30.73 16.81
CA ASP C 334 -1.47 31.23 18.11
C ASP C 334 -2.64 31.09 19.13
N LYS C 335 -3.87 31.24 18.64
CA LYS C 335 -5.02 31.21 19.53
C LYS C 335 -5.39 29.76 19.82
N LEU C 336 -5.13 28.88 18.85
CA LEU C 336 -5.44 27.47 19.04
C LEU C 336 -4.44 26.87 20.04
N LEU C 337 -3.17 27.25 19.89
CA LEU C 337 -2.11 26.84 20.83
C LEU C 337 -1.97 27.80 22.02
N ASP C 338 -3.09 28.38 22.46
CA ASP C 338 -3.09 29.16 23.68
C ASP C 338 -2.85 28.18 24.85
N LEU C 339 -1.80 28.42 25.62
CA LEU C 339 -1.49 27.59 26.80
C LEU C 339 -2.54 27.71 27.92
N ASN C 340 -3.35 28.73 27.87
CA ASN C 340 -4.42 28.88 28.82
C ASN C 340 -5.75 28.38 28.27
N PRO C 341 -6.31 27.29 28.88
CA PRO C 341 -7.54 26.69 28.35
C PRO C 341 -8.73 27.62 28.44
N ALA C 342 -8.76 28.50 29.42
CA ALA C 342 -9.88 29.43 29.59
C ALA C 342 -9.95 30.43 28.44
N SER C 343 -8.79 30.83 27.91
CA SER C 343 -8.77 31.81 26.82
C SER C 343 -8.61 31.18 25.41
N ARG C 344 -8.21 29.90 25.32
CA ARG C 344 -8.14 29.21 24.01
C ARG C 344 -9.39 29.42 23.14
N ILE C 345 -9.18 29.68 21.87
CA ILE C 345 -10.28 29.98 20.95
C ILE C 345 -11.15 28.73 20.86
N THR C 346 -12.47 28.89 20.80
CA THR C 346 -13.39 27.75 20.69
C THR C 346 -13.64 27.43 19.23
N ALA C 347 -14.33 26.31 18.98
CA ALA C 347 -14.61 25.90 17.60
C ALA C 347 -15.43 26.92 16.83
N GLU C 348 -16.47 27.46 17.46
CA GLU C 348 -17.28 28.45 16.75
C GLU C 348 -16.59 29.81 16.58
N GLU C 349 -15.77 30.23 17.54
CA GLU C 349 -14.95 31.42 17.31
C GLU C 349 -13.90 31.14 16.22
N ALA C 350 -13.45 29.89 16.11
CA ALA C 350 -12.44 29.58 15.08
C ALA C 350 -13.07 29.81 13.70
N LEU C 351 -14.35 29.45 13.58
CA LEU C 351 -15.06 29.53 12.32
C LEU C 351 -15.30 30.97 11.88
N LEU C 352 -15.33 31.88 12.83
CA LEU C 352 -15.51 33.31 12.58
C LEU C 352 -14.20 34.08 12.45
N HIS C 353 -13.06 33.42 12.62
CA HIS C 353 -11.76 34.07 12.51
C HIS C 353 -11.58 34.57 11.10
N PRO C 354 -10.91 35.75 10.90
CA PRO C 354 -10.67 36.29 9.54
C PRO C 354 -9.81 35.40 8.62
N PHE C 355 -9.10 34.42 9.18
CA PHE C 355 -8.46 33.41 8.35
C PHE C 355 -9.45 32.72 7.39
N PHE C 356 -10.72 32.62 7.79
CA PHE C 356 -11.75 31.96 6.97
C PHE C 356 -12.70 32.85 6.18
N LYS C 357 -12.45 34.16 6.15
CA LYS C 357 -13.14 34.94 5.16
C LYS C 357 -12.39 34.67 3.84
N ASP C 358 -13.06 34.61 2.68
CA ASP C 358 -14.51 34.51 2.56
C ASP C 358 -14.79 33.08 2.11
N MET C 359 -15.53 32.34 2.93
CA MET C 359 -15.79 30.92 2.68
C MET C 359 -17.19 30.56 3.18
N ARG D 8 18.97 20.01 44.67
CA ARG D 8 18.61 18.56 44.69
C ARG D 8 18.68 17.91 43.30
N LEU D 9 17.65 18.17 42.47
CA LEU D 9 17.48 17.46 41.18
C LEU D 9 18.60 17.76 40.23
N LYS D 10 19.18 16.72 39.66
CA LYS D 10 20.15 16.91 38.58
C LYS D 10 19.45 17.60 37.38
N LYS D 11 20.23 18.43 36.67
CA LYS D 11 19.76 19.25 35.56
C LYS D 11 20.16 18.64 34.22
N PRO D 12 19.30 18.78 33.18
CA PRO D 12 18.03 19.52 33.17
C PRO D 12 16.81 18.69 33.56
N PHE D 13 15.85 19.35 34.21
CA PHE D 13 14.66 18.69 34.68
C PHE D 13 13.38 19.50 34.47
N VAL D 14 12.26 18.81 34.43
CA VAL D 14 10.95 19.42 34.57
C VAL D 14 10.31 18.70 35.74
N LYS D 15 9.60 19.45 36.56
CA LYS D 15 8.85 18.87 37.65
C LYS D 15 7.47 19.51 37.60
N VAL D 16 6.46 18.69 37.84
CA VAL D 16 5.11 19.19 37.85
C VAL D 16 4.50 18.76 39.18
N GLU D 17 3.94 19.72 39.91
CA GLU D 17 3.23 19.38 41.14
C GLU D 17 1.90 20.08 41.29
N ASP D 18 0.95 19.39 41.88
CA ASP D 18 -0.37 19.92 42.07
C ASP D 18 -0.37 20.90 43.24
N MET D 19 -0.76 22.15 42.96
CA MET D 19 -0.78 23.22 43.97
C MET D 19 -1.58 22.86 45.23
N SER D 20 -2.71 22.17 45.06
CA SER D 20 -3.54 21.78 46.20
C SER D 20 -3.28 20.36 46.73
N GLN D 21 -2.14 19.77 46.37
CA GLN D 21 -1.69 18.46 46.89
C GLN D 21 -2.46 17.21 46.42
N LEU D 22 -3.42 17.40 45.52
CA LEU D 22 -4.28 16.31 45.03
C LEU D 22 -3.52 15.25 44.25
N TYR D 23 -2.36 15.60 43.71
CA TYR D 23 -1.55 14.66 42.94
C TYR D 23 -0.15 14.59 43.54
N ARG D 24 0.51 13.47 43.30
CA ARG D 24 1.91 13.32 43.67
C ARG D 24 2.79 13.97 42.58
N PRO D 25 3.89 14.64 42.99
CA PRO D 25 4.90 15.21 42.09
C PRO D 25 5.47 14.25 41.05
N PHE D 26 5.51 14.67 39.78
CA PHE D 26 6.21 13.90 38.75
C PHE D 26 7.26 14.70 38.00
N TYR D 27 8.16 13.99 37.36
CA TYR D 27 9.46 14.50 37.00
C TYR D 27 9.82 14.07 35.61
N LEU D 28 10.56 14.92 34.93
CA LEU D 28 11.26 14.50 33.74
C LEU D 28 12.69 14.95 33.87
N GLN D 29 13.61 14.07 33.51
CA GLN D 29 15.02 14.39 33.48
C GLN D 29 15.54 13.84 32.18
N LEU D 30 16.12 14.68 31.36
CA LEU D 30 16.66 14.18 30.11
C LEU D 30 18.14 14.55 30.06
N THR D 31 18.91 13.87 29.22
CA THR D 31 20.31 14.25 29.01
C THR D 31 20.34 15.69 28.50
N ASN D 32 19.54 15.97 27.47
CA ASN D 32 19.44 17.31 26.88
C ASN D 32 17.98 17.75 26.80
N MET D 33 17.71 19.03 27.01
CA MET D 33 16.37 19.59 26.78
C MET D 33 16.01 19.48 25.27
N PRO D 34 14.70 19.46 24.93
CA PRO D 34 14.43 19.34 23.50
C PRO D 34 15.04 20.49 22.74
N PHE D 35 15.50 20.20 21.54
CA PHE D 35 16.13 21.15 20.67
C PHE D 35 15.29 21.20 19.42
N ILE D 36 15.00 22.41 18.91
CA ILE D 36 14.38 22.57 17.60
C ILE D 36 15.43 22.37 16.50
N ASN D 37 15.36 21.23 15.81
CA ASN D 37 16.32 20.88 14.78
C ASN D 37 15.81 21.18 13.37
N TYR D 38 16.23 22.31 12.84
CA TYR D 38 15.89 22.74 11.49
C TYR D 38 16.68 21.97 10.42
N SER D 39 17.65 21.16 10.82
CA SER D 39 18.51 20.47 9.84
C SER D 39 17.84 19.27 9.20
N ILE D 40 17.17 18.47 10.03
CA ILE D 40 16.44 17.30 9.56
C ILE D 40 15.38 17.71 8.52
N GLN D 41 15.23 16.89 7.47
CA GLN D 41 14.35 17.28 6.38
C GLN D 41 12.86 16.96 6.61
N LYS D 42 12.02 17.75 5.96
CA LYS D 42 10.60 17.44 5.78
C LYS D 42 10.47 15.93 5.55
N PRO D 43 9.46 15.28 6.14
CA PRO D 43 8.43 15.82 7.04
C PRO D 43 8.68 15.45 8.50
N CYS D 44 9.93 15.10 8.81
CA CYS D 44 10.31 14.62 10.14
C CYS D 44 10.20 15.71 11.19
N SER D 45 9.85 15.29 12.41
CA SER D 45 9.80 16.13 13.59
C SER D 45 11.13 16.85 13.88
N PRO D 46 11.08 18.17 14.14
CA PRO D 46 12.28 18.91 14.49
C PRO D 46 12.79 18.47 15.85
N PHE D 47 12.04 17.59 16.49
CA PHE D 47 12.44 17.03 17.77
C PHE D 47 12.92 15.58 17.67
N ASP D 48 13.02 15.03 16.46
CA ASP D 48 13.41 13.62 16.28
C ASP D 48 14.74 13.27 16.96
N GLY D 88 -2.12 -6.89 28.42
CA GLY D 88 -2.40 -5.63 29.12
C GLY D 88 -3.45 -5.74 30.22
N TYR D 89 -4.50 -4.91 30.10
CA TYR D 89 -5.52 -4.78 31.12
C TYR D 89 -6.92 -5.02 30.57
N CYS D 90 -7.79 -5.63 31.38
CA CYS D 90 -9.17 -5.87 30.98
C CYS D 90 -10.11 -5.01 31.81
N GLU D 91 -10.83 -4.12 31.12
CA GLU D 91 -11.77 -3.20 31.78
C GLU D 91 -13.03 -3.94 32.25
N CYS D 92 -13.24 -5.14 31.74
CA CYS D 92 -14.43 -5.93 32.08
C CYS D 92 -14.25 -6.67 33.39
N CYS D 93 -13.18 -7.48 33.43
CA CYS D 93 -12.86 -8.28 34.60
C CYS D 93 -12.01 -7.48 35.61
N LEU D 94 -11.86 -6.18 35.34
CA LEU D 94 -11.11 -5.25 36.19
C LEU D 94 -9.78 -5.82 36.69
N GLN D 95 -9.08 -6.55 35.82
CA GLN D 95 -7.81 -7.17 36.20
C GLN D 95 -6.79 -7.23 35.06
N LYS D 96 -5.51 -7.20 35.43
CA LYS D 96 -4.42 -7.28 34.47
C LYS D 96 -4.34 -8.65 33.79
N TYR D 97 -3.63 -8.70 32.66
CA TYR D 97 -3.41 -9.95 31.96
C TYR D 97 -2.13 -9.91 31.12
N GLU D 98 -1.70 -11.08 30.66
CA GLU D 98 -0.47 -11.20 29.87
C GLU D 98 -0.81 -11.32 28.37
N ASP D 99 -1.17 -12.53 27.94
CA ASP D 99 -1.59 -12.78 26.56
C ASP D 99 -3.09 -12.53 26.43
N LEU D 100 -3.47 -11.83 25.36
CA LEU D 100 -4.87 -11.48 25.12
C LEU D 100 -5.75 -12.73 24.96
N GLU D 101 -5.42 -13.59 24.00
CA GLU D 101 -6.21 -14.79 23.70
C GLU D 101 -6.46 -15.64 24.92
N THR D 102 -5.39 -15.88 25.68
CA THR D 102 -5.44 -16.69 26.89
C THR D 102 -6.38 -16.10 27.92
N HIS D 103 -6.23 -14.80 28.20
CA HIS D 103 -7.13 -14.14 29.13
C HIS D 103 -8.56 -14.17 28.67
N LEU D 104 -8.75 -14.05 27.37
CA LEU D 104 -10.08 -14.11 26.77
C LEU D 104 -10.66 -15.51 26.90
N LEU D 105 -9.87 -16.50 26.52
CA LEU D 105 -10.30 -17.91 26.53
C LEU D 105 -10.71 -18.42 27.91
N SER D 106 -10.06 -17.90 28.94
CA SER D 106 -10.38 -18.25 30.33
C SER D 106 -11.86 -18.07 30.63
N GLU D 107 -12.37 -18.85 31.58
CA GLU D 107 -13.73 -18.68 32.07
C GLU D 107 -13.82 -17.49 33.02
N GLN D 108 -12.67 -16.90 33.30
CA GLN D 108 -12.58 -15.64 34.02
C GLN D 108 -13.33 -14.57 33.23
N HIS D 109 -12.94 -14.43 31.96
CA HIS D 109 -13.57 -13.50 31.04
C HIS D 109 -14.87 -14.01 30.48
N ARG D 110 -14.94 -15.31 30.23
CA ARG D 110 -16.10 -15.96 29.61
C ARG D 110 -17.41 -15.67 30.34
N ASN D 111 -17.30 -15.45 31.65
CA ASN D 111 -18.45 -15.11 32.48
C ASN D 111 -19.02 -13.76 32.15
N PHE D 112 -18.15 -12.75 32.17
CA PHE D 112 -18.54 -11.38 31.85
C PHE D 112 -19.16 -11.41 30.46
N ALA D 113 -18.37 -11.91 29.51
CA ALA D 113 -18.75 -12.02 28.11
C ALA D 113 -20.22 -12.40 27.92
N GLN D 114 -20.68 -13.38 28.69
CA GLN D 114 -22.05 -13.92 28.52
C GLN D 114 -23.12 -13.33 29.44
N SER D 115 -22.75 -12.32 30.21
CA SER D 115 -23.68 -11.70 31.14
C SER D 115 -24.61 -10.68 30.46
N ASN D 116 -25.48 -10.04 31.24
CA ASN D 116 -26.33 -8.96 30.74
C ASN D 116 -25.70 -7.59 31.00
N GLN D 117 -24.37 -7.57 31.07
CA GLN D 117 -23.62 -6.34 31.25
C GLN D 117 -23.68 -5.49 29.98
N TYR D 118 -23.85 -6.17 28.85
CA TYR D 118 -23.94 -5.56 27.54
C TYR D 118 -25.36 -5.13 27.21
N GLN D 119 -26.23 -5.05 28.21
CA GLN D 119 -27.58 -4.63 27.93
C GLN D 119 -27.61 -3.18 27.44
N VAL D 120 -26.85 -2.32 28.13
CA VAL D 120 -26.80 -0.89 27.79
C VAL D 120 -26.49 -0.62 26.30
N VAL D 121 -25.65 -1.46 25.71
CA VAL D 121 -25.31 -1.44 24.30
C VAL D 121 -26.53 -1.79 23.43
N ASP D 122 -27.18 -2.91 23.76
CA ASP D 122 -28.37 -3.41 23.04
C ASP D 122 -29.55 -2.44 23.08
N ASP D 123 -29.61 -1.61 24.11
CA ASP D 123 -30.63 -0.57 24.19
C ASP D 123 -30.45 0.45 23.07
N ILE D 124 -29.23 0.96 22.91
CA ILE D 124 -28.91 1.89 21.81
C ILE D 124 -29.16 1.21 20.46
N VAL D 125 -28.60 0.02 20.30
CA VAL D 125 -28.70 -0.74 19.05
C VAL D 125 -30.13 -0.90 18.57
N SER D 126 -31.06 -1.02 19.50
CA SER D 126 -32.45 -1.24 19.16
C SER D 126 -33.15 0.06 18.80
N LYS D 127 -32.44 1.17 18.92
CA LYS D 127 -32.96 2.47 18.47
C LYS D 127 -32.49 2.77 17.04
N LEU D 128 -31.55 1.95 16.55
CA LEU D 128 -31.04 2.06 15.19
C LEU D 128 -31.96 1.35 14.18
N VAL D 129 -32.11 1.94 13.00
CA VAL D 129 -32.85 1.29 11.91
C VAL D 129 -31.91 0.44 11.07
N PHE D 130 -32.30 -0.82 10.88
CA PHE D 130 -31.59 -1.76 10.03
C PHE D 130 -32.00 -1.56 8.57
N ASP D 131 -31.07 -1.21 7.70
CA ASP D 131 -31.42 -0.96 6.29
C ASP D 131 -30.62 -1.80 5.29
N PHE D 132 -29.93 -2.82 5.81
CA PHE D 132 -29.23 -3.76 4.95
C PHE D 132 -30.15 -4.92 4.60
N VAL D 133 -29.78 -5.65 3.57
CA VAL D 133 -30.41 -6.93 3.30
C VAL D 133 -29.77 -8.04 4.15
N GLU D 134 -30.60 -8.84 4.83
CA GLU D 134 -30.13 -9.97 5.62
C GLU D 134 -30.43 -11.30 4.92
N TYR D 135 -29.43 -12.17 4.88
CA TYR D 135 -29.58 -13.48 4.27
C TYR D 135 -29.73 -14.60 5.31
N GLU D 136 -30.27 -15.74 4.88
CA GLU D 136 -30.55 -16.86 5.76
C GLU D 136 -29.34 -17.79 5.85
PB ADP E . 11.93 -4.51 -14.80
O1B ADP E . 11.25 -5.86 -14.59
O2B ADP E . 12.17 -3.84 -13.47
O3B ADP E . 13.09 -4.53 -15.77
PA ADP E . 9.37 -3.45 -15.67
O1A ADP E . 8.97 -2.70 -16.94
O2A ADP E . 8.75 -4.83 -15.46
O3A ADP E . 10.95 -3.48 -15.58
O5' ADP E . 8.90 -2.50 -14.45
C5' ADP E . 9.19 -2.84 -13.09
C4' ADP E . 7.95 -2.73 -12.21
O4' ADP E . 7.48 -1.39 -12.07
C3' ADP E . 6.74 -3.50 -12.70
O3' ADP E . 6.85 -4.90 -12.42
C2' ADP E . 5.56 -2.76 -12.10
O2' ADP E . 5.23 -3.21 -10.81
C1' ADP E . 6.06 -1.32 -11.96
N9 ADP E . 5.57 -0.65 -13.20
C8 ADP E . 6.21 -0.75 -14.38
N7 ADP E . 5.53 -0.05 -15.34
C5 ADP E . 4.45 0.48 -14.74
C6 ADP E . 3.34 1.30 -15.20
N6 ADP E . 3.30 1.70 -16.48
N1 ADP E . 2.40 1.68 -14.29
C2 ADP E . 2.50 1.27 -13.01
N3 ADP E . 3.50 0.50 -12.53
C4 ADP E . 4.49 0.09 -13.34
MG MG F . 9.43 -6.58 -15.32
ZN ZN G . 30.35 0.54 -20.22
PB ADP H . -9.07 3.03 16.91
O1B ADP H . -8.01 3.99 16.44
O2B ADP H . -8.55 1.62 16.94
O3B ADP H . -9.92 3.34 18.14
PA ADP H . -10.62 4.29 14.75
O1A ADP H . -12.12 4.45 14.90
O2A ADP H . -9.75 5.52 14.87
O3A ADP H . -10.21 3.08 15.76
O5' ADP H . -10.32 3.57 13.33
C5' ADP H . -9.02 3.05 13.02
C4' ADP H . -8.70 3.39 11.58
O4' ADP H . -9.61 2.71 10.70
C3' ADP H . -8.96 4.85 11.26
O3' ADP H . -7.93 5.73 11.70
C2' ADP H . -9.22 4.86 9.76
O2' ADP H . -7.98 4.76 9.07
C1' ADP H . -9.98 3.54 9.59
N9 ADP H . -11.43 3.87 9.68
C8 ADP H . -12.13 3.91 10.84
N7 ADP H . -13.43 4.23 10.60
C5 ADP H . -13.57 4.41 9.28
C6 ADP H . -14.69 4.75 8.37
N6 ADP H . -15.92 4.98 8.87
N1 ADP H . -14.44 4.84 7.05
C2 ADP H . -13.20 4.59 6.54
N3 ADP H . -12.14 4.26 7.30
C4 ADP H . -12.26 4.16 8.66
MG MG I . -8.26 6.11 15.97
ZN ZN J . -11.61 -10.10 30.89
#